data_9KYC
#
_entry.id   9KYC
#
_cell.length_a   1.00
_cell.length_b   1.00
_cell.length_c   1.00
_cell.angle_alpha   90.00
_cell.angle_beta   90.00
_cell.angle_gamma   90.00
#
_symmetry.space_group_name_H-M   'P 1'
#
loop_
_entity.id
_entity.type
_entity.pdbx_description
1 polymer 'Cytolethal distending toxin subunit B family protein'
2 polymer 'Pertussis toxin-like subunit ArtA'
3 polymer 'Subtilase cytotoxin subunit B'
4 polymer 'Subtilase cytotoxin subunit B'
#
loop_
_entity_poly.entity_id
_entity_poly.type
_entity_poly.pdbx_seq_one_letter_code
_entity_poly.pdbx_strand_id
1 'polypeptide(L)'
;MKKNFFHLLIMLICSYISFAYANISDYRVMTWNLQGSSASTESKWNINVRQLLSGTAGVDILMVQEAGAIPTSAVRTGRH
IQPFGVGIPIDEYTWNLGTTRRQDIRYIYYSPIDVGARRVNLAIVTRRRADNVYVLRPTTVASRPIIGIGLGNDVFLTTH
ALASGGPDAAAIVRVTYNFFRTPQMRHLSWLLGGDFNRAPDRLESDLMTEHLERLVTIIAPTEPTQIGGNILDYGVIVDR
APYSQRVEALRNPQLASDHYPVAFEAQHCG
;
A
2 'polypeptide(L)'
;MKKLILLTLIIASFDIYAIDFVYRVDPNPPDVIFRDGFSLLGYNRDLQQLISGRSCAGGSSDSRYIVTTSDINKTYAIAR
AYYSHSKFKGNLYRYKIRADNNFYSLTPSVNYLESQGGHFNAYEKSMIRLQSEYVSTLSILPENIQKAVALVYDSSTGQI
KDGTSTINTDYVSISSVSNPGVIPFLPEPQANTQQRIDAFGSLISSCFSIYSVCQTHRGQKTEVYKMPFYDARPVIQFII
SGN
;
B
3 'polypeptide(L)'
;MKKITSVCALLSLICSFNASAEWTGDYENIGYFSHEVISEFHVGQIDGGAYFCIKAVKADGSRSTPLIACSVSNESVWAP
SFKVLLEQARYFYVTEQSVRIYYDHNVWTNQPFVNTFSTNALVGLSSCSAATDCFGPGKPKSKSKRDVEQ
;
C,F,G
4 'polypeptide(L)'
;EWTGDSSINYYSDEVISDFHVGQFNRSAYFCIKTVKKSGEGTPIIACALSHDSKWIPSFNIMLEQARNFYITGHSIRVYV
QPNVWSNKSFIEALSSNALVGLSSCSTSECFGPVKP
;
D,E
#
# COMPACT_ATOMS: atom_id res chain seq x y z
N ASN A 23 -0.10 -2.02 -26.26
CA ASN A 23 -0.92 -1.12 -27.06
C ASN A 23 -2.17 -1.84 -27.56
N ILE A 24 -2.01 -2.56 -28.67
CA ILE A 24 -3.10 -3.34 -29.23
C ILE A 24 -3.51 -4.47 -28.31
N SER A 25 -2.67 -4.83 -27.35
CA SER A 25 -2.91 -5.94 -26.44
C SER A 25 -3.59 -5.51 -25.15
N ASP A 26 -3.89 -4.21 -25.00
CA ASP A 26 -4.56 -3.72 -23.79
C ASP A 26 -6.05 -3.96 -23.80
N TYR A 27 -6.66 -4.09 -24.98
CA TYR A 27 -8.10 -4.26 -25.10
C TYR A 27 -8.46 -5.71 -25.35
N ARG A 28 -9.57 -6.14 -24.76
CA ARG A 28 -10.09 -7.49 -24.93
C ARG A 28 -11.03 -7.48 -26.13
N VAL A 29 -10.55 -8.01 -27.25
CA VAL A 29 -11.27 -7.95 -28.53
C VAL A 29 -11.81 -9.33 -28.86
N MET A 30 -12.96 -9.34 -29.53
CA MET A 30 -13.61 -10.58 -29.94
C MET A 30 -14.43 -10.33 -31.19
N THR A 31 -14.57 -11.36 -32.03
CA THR A 31 -15.15 -11.15 -33.36
C THR A 31 -16.67 -11.26 -33.38
N TRP A 32 -17.20 -12.43 -32.98
CA TRP A 32 -18.63 -12.67 -32.86
C TRP A 32 -19.38 -12.45 -34.19
N ASN A 33 -19.08 -13.31 -35.15
CA ASN A 33 -19.94 -13.44 -36.32
C ASN A 33 -21.27 -14.05 -35.91
N LEU A 34 -22.34 -13.61 -36.57
CA LEU A 34 -23.68 -14.03 -36.15
C LEU A 34 -24.06 -15.40 -36.69
N GLN A 35 -23.82 -15.64 -37.98
CA GLN A 35 -24.21 -16.90 -38.64
C GLN A 35 -25.71 -17.13 -38.50
N GLY A 36 -26.47 -16.27 -39.19
CA GLY A 36 -27.91 -16.15 -39.06
C GLY A 36 -28.69 -17.42 -38.85
N SER A 37 -29.67 -17.36 -37.95
CA SER A 37 -30.37 -18.55 -37.47
C SER A 37 -31.87 -18.43 -37.65
N SER A 38 -32.32 -18.09 -38.86
CA SER A 38 -33.73 -17.99 -39.24
C SER A 38 -34.45 -16.95 -38.38
N ALA A 39 -34.03 -15.69 -38.58
CA ALA A 39 -34.71 -14.52 -38.04
C ALA A 39 -34.66 -14.47 -36.51
N SER A 40 -33.45 -14.55 -35.96
CA SER A 40 -33.22 -14.35 -34.53
C SER A 40 -32.27 -13.18 -34.27
N THR A 41 -32.23 -12.20 -35.17
CA THR A 41 -31.20 -11.17 -35.12
C THR A 41 -31.31 -10.33 -33.84
N GLU A 42 -32.51 -9.85 -33.51
CA GLU A 42 -32.65 -9.00 -32.33
C GLU A 42 -32.37 -9.77 -31.04
N SER A 43 -32.93 -10.97 -30.93
CA SER A 43 -32.74 -11.77 -29.72
C SER A 43 -31.27 -12.17 -29.55
N LYS A 44 -30.64 -12.64 -30.63
CA LYS A 44 -29.24 -13.03 -30.55
C LYS A 44 -28.37 -11.82 -30.21
N TRP A 45 -28.62 -10.68 -30.87
CA TRP A 45 -27.90 -9.47 -30.55
C TRP A 45 -27.98 -9.17 -29.06
N ASN A 46 -29.20 -8.92 -28.58
CA ASN A 46 -29.39 -8.54 -27.19
C ASN A 46 -28.75 -9.54 -26.25
N ILE A 47 -29.24 -10.79 -26.27
CA ILE A 47 -28.79 -11.79 -25.29
C ILE A 47 -27.29 -12.00 -25.38
N ASN A 48 -26.80 -12.42 -26.56
CA ASN A 48 -25.42 -12.83 -26.67
C ASN A 48 -24.46 -11.68 -26.40
N VAL A 49 -24.65 -10.53 -27.05
CA VAL A 49 -23.66 -9.48 -26.88
C VAL A 49 -23.77 -8.79 -25.52
N ARG A 50 -24.94 -8.80 -24.85
CA ARG A 50 -24.98 -8.24 -23.52
C ARG A 50 -24.48 -9.21 -22.46
N GLN A 51 -24.53 -10.52 -22.74
CA GLN A 51 -23.81 -11.47 -21.88
C GLN A 51 -22.31 -11.35 -22.11
N LEU A 52 -21.90 -11.09 -23.34
CA LEU A 52 -20.48 -11.05 -23.69
C LEU A 52 -19.81 -9.79 -23.14
N LEU A 53 -20.46 -8.63 -23.32
CA LEU A 53 -19.84 -7.37 -22.95
C LEU A 53 -19.87 -7.11 -21.45
N SER A 54 -20.86 -7.65 -20.74
CA SER A 54 -21.01 -7.37 -19.33
C SER A 54 -19.99 -8.19 -18.51
N GLY A 55 -19.87 -7.83 -17.23
CA GLY A 55 -18.98 -8.52 -16.33
C GLY A 55 -17.57 -7.94 -16.31
N THR A 56 -16.79 -8.43 -15.35
CA THR A 56 -15.40 -7.99 -15.23
C THR A 56 -14.58 -8.42 -16.44
N ALA A 57 -14.84 -9.63 -16.95
CA ALA A 57 -14.16 -10.15 -18.13
C ALA A 57 -14.86 -9.74 -19.43
N GLY A 58 -15.63 -8.65 -19.40
CA GLY A 58 -16.36 -8.24 -20.59
C GLY A 58 -15.43 -7.80 -21.70
N VAL A 59 -15.92 -7.92 -22.93
CA VAL A 59 -15.15 -7.59 -24.11
C VAL A 59 -15.10 -6.08 -24.29
N ASP A 60 -13.89 -5.52 -24.41
CA ASP A 60 -13.75 -4.09 -24.60
C ASP A 60 -14.20 -3.67 -26.00
N ILE A 61 -13.55 -4.19 -27.03
CA ILE A 61 -13.89 -3.89 -28.42
C ILE A 61 -14.45 -5.16 -29.03
N LEU A 62 -15.69 -5.11 -29.49
CA LEU A 62 -16.36 -6.28 -30.05
C LEU A 62 -16.53 -6.06 -31.55
N MET A 63 -16.10 -7.04 -32.34
CA MET A 63 -15.89 -6.88 -33.79
C MET A 63 -17.03 -7.48 -34.61
N VAL A 64 -18.27 -7.29 -34.19
CA VAL A 64 -19.43 -7.89 -34.85
C VAL A 64 -19.43 -7.61 -36.34
N GLN A 65 -19.51 -8.67 -37.15
CA GLN A 65 -19.55 -8.56 -38.60
C GLN A 65 -20.85 -9.17 -39.10
N GLU A 66 -21.23 -8.78 -40.33
CA GLU A 66 -22.49 -9.17 -40.97
C GLU A 66 -23.70 -8.94 -40.07
N ALA A 67 -23.60 -7.98 -39.16
CA ALA A 67 -24.67 -7.71 -38.20
C ALA A 67 -25.99 -7.40 -38.89
N GLY A 68 -26.03 -6.30 -39.63
CA GLY A 68 -27.27 -5.91 -40.28
C GLY A 68 -28.14 -5.05 -39.40
N ALA A 69 -29.08 -5.67 -38.69
CA ALA A 69 -30.08 -4.96 -37.91
C ALA A 69 -29.43 -4.31 -36.67
N ILE A 70 -30.26 -3.73 -35.82
CA ILE A 70 -29.82 -2.96 -34.67
C ILE A 70 -30.47 -3.54 -33.42
N PRO A 71 -29.77 -3.48 -32.28
CA PRO A 71 -30.31 -4.09 -31.04
C PRO A 71 -31.65 -3.51 -30.59
N THR A 72 -32.23 -2.55 -31.32
CA THR A 72 -33.53 -1.96 -31.03
C THR A 72 -33.54 -1.19 -29.72
N SER A 73 -32.37 -1.06 -29.08
CA SER A 73 -32.21 -0.24 -27.89
C SER A 73 -31.13 0.81 -28.05
N ALA A 74 -30.59 0.96 -29.25
CA ALA A 74 -29.56 1.96 -29.53
C ALA A 74 -30.22 3.31 -29.71
N VAL A 75 -29.72 4.31 -28.98
CA VAL A 75 -30.32 5.64 -28.99
C VAL A 75 -29.88 6.39 -30.24
N ARG A 76 -30.67 7.41 -30.60
CA ARG A 76 -30.40 8.26 -31.75
C ARG A 76 -29.57 9.47 -31.30
N THR A 77 -29.47 10.48 -32.16
CA THR A 77 -28.79 11.75 -31.86
C THR A 77 -27.29 11.56 -31.62
N GLY A 78 -26.65 10.78 -32.48
CA GLY A 78 -25.19 10.73 -32.47
C GLY A 78 -24.58 12.01 -33.01
N ARG A 79 -23.36 12.31 -32.56
CA ARG A 79 -22.74 13.57 -32.94
C ARG A 79 -22.30 13.53 -34.40
N HIS A 80 -22.10 14.72 -34.97
CA HIS A 80 -21.77 14.83 -36.37
C HIS A 80 -20.39 14.25 -36.66
N ILE A 81 -20.25 13.68 -37.85
CA ILE A 81 -19.00 13.09 -38.32
C ILE A 81 -18.68 13.67 -39.70
N GLN A 82 -17.39 13.91 -39.92
CA GLN A 82 -16.97 14.65 -41.12
C GLN A 82 -17.31 13.88 -42.40
N PRO A 83 -16.89 12.61 -42.60
CA PRO A 83 -15.91 11.78 -41.86
C PRO A 83 -14.50 12.02 -42.40
N PHE A 84 -13.54 11.17 -42.05
CA PHE A 84 -12.17 11.32 -42.52
C PHE A 84 -11.86 10.27 -43.58
N GLY A 85 -11.33 10.74 -44.71
CA GLY A 85 -10.94 9.87 -45.81
C GLY A 85 -12.04 9.51 -46.78
N VAL A 86 -13.15 8.98 -46.26
CA VAL A 86 -14.27 8.56 -47.09
C VAL A 86 -15.55 9.16 -46.50
N GLY A 87 -16.43 9.63 -47.37
CA GLY A 87 -17.54 10.45 -46.94
C GLY A 87 -18.85 9.73 -46.64
N ILE A 88 -18.79 8.44 -46.32
CA ILE A 88 -20.01 7.75 -45.87
C ILE A 88 -20.19 7.98 -44.37
N PRO A 89 -21.31 8.55 -43.94
CA PRO A 89 -21.49 8.83 -42.52
C PRO A 89 -21.50 7.56 -41.68
N ILE A 90 -20.91 7.67 -40.49
CA ILE A 90 -20.85 6.58 -39.51
C ILE A 90 -21.55 7.06 -38.25
N ASP A 91 -22.52 6.28 -37.77
CA ASP A 91 -23.24 6.69 -36.57
C ASP A 91 -22.46 6.26 -35.32
N GLU A 92 -22.91 6.73 -34.16
CA GLU A 92 -22.25 6.43 -32.89
C GLU A 92 -23.28 6.08 -31.82
N TYR A 93 -24.15 5.12 -32.14
CA TYR A 93 -25.23 4.71 -31.26
C TYR A 93 -24.75 4.49 -29.84
N THR A 94 -25.39 5.16 -28.88
CA THR A 94 -25.02 5.10 -27.47
C THR A 94 -25.98 4.18 -26.72
N TRP A 95 -25.74 2.87 -26.88
CA TRP A 95 -26.56 1.83 -26.26
C TRP A 95 -26.15 1.65 -24.81
N ASN A 96 -27.04 2.01 -23.89
CA ASN A 96 -26.78 1.86 -22.47
C ASN A 96 -27.16 0.44 -22.03
N LEU A 97 -26.16 -0.36 -21.67
CA LEU A 97 -26.43 -1.71 -21.18
C LEU A 97 -27.05 -1.69 -19.80
N GLY A 98 -26.57 -0.79 -18.94
CA GLY A 98 -27.05 -0.71 -17.57
C GLY A 98 -28.35 0.06 -17.45
N THR A 99 -28.81 0.18 -16.22
CA THR A 99 -30.06 0.87 -15.90
C THR A 99 -29.78 2.37 -15.76
N THR A 100 -30.76 3.11 -15.25
CA THR A 100 -30.57 4.54 -15.05
C THR A 100 -29.47 4.82 -14.02
N ARG A 101 -29.43 4.05 -12.93
CA ARG A 101 -28.43 4.26 -11.90
C ARG A 101 -27.02 3.99 -12.44
N ARG A 102 -26.85 2.91 -13.18
CA ARG A 102 -25.54 2.54 -13.71
C ARG A 102 -25.26 3.32 -14.99
N GLN A 103 -23.98 3.35 -15.38
CA GLN A 103 -23.54 3.97 -16.62
C GLN A 103 -22.66 2.95 -17.35
N ASP A 104 -23.28 2.06 -18.11
CA ASP A 104 -22.60 1.04 -18.87
C ASP A 104 -22.84 1.23 -20.36
N ILE A 105 -22.84 2.47 -20.82
CA ILE A 105 -23.11 2.77 -22.22
C ILE A 105 -21.93 2.34 -23.08
N ARG A 106 -22.24 1.85 -24.28
CA ARG A 106 -21.25 1.48 -25.28
C ARG A 106 -21.33 2.48 -26.43
N TYR A 107 -20.52 2.23 -27.47
CA TYR A 107 -20.56 3.03 -28.69
C TYR A 107 -20.55 2.08 -29.87
N ILE A 108 -21.67 2.01 -30.59
CA ILE A 108 -21.75 1.21 -31.81
C ILE A 108 -21.61 2.18 -32.98
N TYR A 109 -20.49 2.09 -33.68
CA TYR A 109 -20.30 2.76 -34.96
C TYR A 109 -20.77 1.82 -36.07
N TYR A 110 -21.78 2.28 -36.81
CA TYR A 110 -22.50 1.50 -37.79
C TYR A 110 -22.62 2.33 -39.05
N SER A 111 -22.53 1.67 -40.21
CA SER A 111 -22.59 2.32 -41.51
C SER A 111 -23.87 1.89 -42.22
N PRO A 112 -24.75 2.82 -42.57
CA PRO A 112 -25.99 2.41 -43.27
C PRO A 112 -25.73 2.19 -44.77
N ILE A 113 -24.84 1.22 -45.05
CA ILE A 113 -24.55 0.88 -46.43
C ILE A 113 -25.77 0.28 -47.11
N ASP A 114 -26.47 -0.63 -46.42
CA ASP A 114 -27.67 -1.26 -46.94
C ASP A 114 -28.63 -1.47 -45.78
N VAL A 115 -29.61 -0.59 -45.65
CA VAL A 115 -30.61 -0.68 -44.58
C VAL A 115 -31.82 -1.43 -45.11
N GLY A 116 -31.69 -2.03 -46.29
CA GLY A 116 -32.77 -2.80 -46.87
C GLY A 116 -32.39 -4.26 -47.06
N ALA A 117 -31.15 -4.61 -46.73
CA ALA A 117 -30.66 -5.98 -46.80
C ALA A 117 -30.29 -6.55 -45.44
N ARG A 118 -29.54 -5.80 -44.63
CA ARG A 118 -29.23 -6.18 -43.25
C ARG A 118 -28.52 -7.54 -43.19
N ARG A 119 -27.64 -7.81 -44.14
CA ARG A 119 -26.92 -9.07 -44.22
C ARG A 119 -25.41 -8.92 -44.19
N VAL A 120 -24.86 -7.91 -44.87
CA VAL A 120 -23.42 -7.68 -44.93
C VAL A 120 -23.00 -6.43 -44.18
N ASN A 121 -23.95 -5.71 -43.57
CA ASN A 121 -23.68 -4.41 -42.97
C ASN A 121 -22.84 -4.59 -41.71
N LEU A 122 -21.66 -3.95 -41.68
CA LEU A 122 -20.71 -4.11 -40.60
C LEU A 122 -21.03 -3.13 -39.47
N ALA A 123 -20.41 -3.36 -38.31
CA ALA A 123 -20.55 -2.49 -37.15
C ALA A 123 -19.41 -2.78 -36.18
N ILE A 124 -19.15 -1.84 -35.29
CA ILE A 124 -18.18 -2.03 -34.21
C ILE A 124 -18.75 -1.45 -32.92
N VAL A 125 -18.79 -2.25 -31.86
CA VAL A 125 -19.27 -1.80 -30.56
C VAL A 125 -18.07 -1.78 -29.62
N THR A 126 -17.75 -0.61 -29.10
CA THR A 126 -16.64 -0.41 -28.18
C THR A 126 -17.13 0.12 -26.83
N ARG A 127 -16.22 0.10 -25.86
CA ARG A 127 -16.52 0.50 -24.49
C ARG A 127 -16.36 2.01 -24.28
N ARG A 128 -15.54 2.68 -25.08
CA ARG A 128 -15.35 4.12 -24.96
C ARG A 128 -15.36 4.74 -26.35
N ARG A 129 -15.62 6.05 -26.38
CA ARG A 129 -15.75 6.77 -27.63
C ARG A 129 -14.47 6.68 -28.44
N ALA A 130 -14.60 6.39 -29.73
CA ALA A 130 -13.44 6.29 -30.61
C ALA A 130 -12.92 7.67 -30.96
N ASP A 131 -11.62 7.89 -30.73
CA ASP A 131 -11.01 9.16 -31.10
C ASP A 131 -11.06 9.37 -32.61
N ASN A 132 -10.80 8.32 -33.38
CA ASN A 132 -10.84 8.38 -34.83
C ASN A 132 -11.68 7.23 -35.36
N VAL A 133 -12.19 7.41 -36.58
CA VAL A 133 -12.84 6.34 -37.33
C VAL A 133 -12.24 6.33 -38.72
N TYR A 134 -12.31 5.18 -39.39
CA TYR A 134 -11.73 5.06 -40.72
C TYR A 134 -12.71 4.35 -41.65
N VAL A 135 -12.51 4.58 -42.95
CA VAL A 135 -13.26 3.87 -43.99
C VAL A 135 -12.30 3.64 -45.15
N LEU A 136 -11.89 2.38 -45.38
CA LEU A 136 -10.98 2.06 -46.46
C LEU A 136 -11.53 0.89 -47.27
N ARG A 137 -11.36 0.96 -48.59
CA ARG A 137 -11.77 -0.07 -49.53
C ARG A 137 -10.58 -0.57 -50.34
N PRO A 138 -10.64 -1.79 -50.86
CA PRO A 138 -9.55 -2.29 -51.69
C PRO A 138 -9.41 -1.49 -52.98
N THR A 139 -8.31 -1.75 -53.69
CA THR A 139 -8.03 -1.01 -54.91
C THR A 139 -9.09 -1.28 -55.98
N THR A 140 -9.78 -2.41 -55.88
CA THR A 140 -10.90 -2.67 -56.77
C THR A 140 -12.08 -1.77 -56.42
N VAL A 141 -12.70 -1.20 -57.46
CA VAL A 141 -13.73 -0.19 -57.24
C VAL A 141 -15.00 -0.82 -56.66
N ALA A 142 -15.39 -2.00 -57.16
CA ALA A 142 -16.69 -2.56 -56.84
C ALA A 142 -16.86 -2.90 -55.36
N SER A 143 -15.76 -3.14 -54.64
CA SER A 143 -15.86 -3.55 -53.25
C SER A 143 -16.41 -2.43 -52.38
N ARG A 144 -16.95 -2.87 -51.22
CA ARG A 144 -17.55 -2.04 -50.13
C ARG A 144 -16.73 -2.15 -48.83
N PRO A 145 -16.04 -1.06 -48.45
CA PRO A 145 -15.20 -0.95 -47.25
C PRO A 145 -15.41 -1.64 -45.90
N ILE A 146 -14.27 -2.06 -45.31
CA ILE A 146 -14.13 -2.69 -43.97
C ILE A 146 -13.88 -1.53 -42.99
N ILE A 147 -14.93 -1.14 -42.26
CA ILE A 147 -15.10 0.03 -41.32
C ILE A 147 -13.82 0.42 -40.59
N GLY A 148 -13.67 -0.07 -39.37
CA GLY A 148 -12.51 0.15 -38.52
C GLY A 148 -12.55 1.46 -37.78
N ILE A 149 -12.38 1.39 -36.46
CA ILE A 149 -12.28 2.57 -35.61
C ILE A 149 -10.86 2.65 -35.05
N GLY A 150 -10.57 3.68 -34.27
CA GLY A 150 -9.28 3.82 -33.64
C GLY A 150 -9.29 4.64 -32.37
N LEU A 151 -8.75 4.06 -31.30
CA LEU A 151 -8.63 4.70 -30.00
C LEU A 151 -7.16 5.09 -29.83
N GLY A 152 -6.89 6.39 -29.81
CA GLY A 152 -5.53 6.88 -29.66
C GLY A 152 -4.59 6.36 -30.73
N ASN A 153 -3.67 5.48 -30.34
CA ASN A 153 -2.69 4.92 -31.26
C ASN A 153 -3.02 3.50 -31.68
N ASP A 154 -4.18 2.96 -31.29
CA ASP A 154 -4.56 1.58 -31.57
C ASP A 154 -5.77 1.57 -32.49
N VAL A 155 -5.62 0.97 -33.66
CA VAL A 155 -6.67 0.95 -34.68
C VAL A 155 -7.21 -0.47 -34.80
N PHE A 156 -8.53 -0.61 -34.67
CA PHE A 156 -9.21 -1.90 -34.76
C PHE A 156 -10.12 -1.86 -35.98
N LEU A 157 -9.79 -2.64 -37.00
CA LEU A 157 -10.48 -2.57 -38.29
C LEU A 157 -11.44 -3.75 -38.44
N THR A 158 -12.68 -3.46 -38.84
CA THR A 158 -13.68 -4.50 -39.06
C THR A 158 -13.98 -4.64 -40.54
N THR A 159 -14.14 -5.91 -40.95
CA THR A 159 -14.13 -6.31 -42.35
C THR A 159 -15.24 -7.33 -42.61
N HIS A 160 -15.34 -7.72 -43.87
CA HIS A 160 -16.23 -8.80 -44.31
C HIS A 160 -15.77 -9.27 -45.69
N ALA A 161 -15.62 -10.59 -45.84
CA ALA A 161 -15.15 -11.19 -47.08
C ALA A 161 -16.29 -11.91 -47.77
N LEU A 162 -15.98 -12.58 -48.88
CA LEU A 162 -16.95 -13.32 -49.67
C LEU A 162 -16.90 -14.79 -49.32
N ALA A 163 -18.06 -15.39 -49.08
CA ALA A 163 -18.19 -16.79 -48.64
C ALA A 163 -17.87 -17.80 -49.74
N SER A 164 -17.38 -17.38 -50.91
CA SER A 164 -17.03 -18.29 -52.00
C SER A 164 -15.54 -18.58 -52.05
N GLY A 165 -14.89 -18.66 -50.88
CA GLY A 165 -13.48 -18.90 -50.80
C GLY A 165 -12.66 -17.71 -50.31
N GLY A 166 -13.25 -16.51 -50.29
CA GLY A 166 -12.57 -15.33 -49.82
C GLY A 166 -11.31 -14.99 -50.59
N PRO A 167 -11.46 -14.61 -51.87
CA PRO A 167 -10.27 -14.26 -52.66
C PRO A 167 -9.71 -12.89 -52.33
N ASP A 168 -10.45 -12.04 -51.61
CA ASP A 168 -10.04 -10.67 -51.35
C ASP A 168 -9.39 -10.48 -49.98
N ALA A 169 -9.12 -11.56 -49.25
CA ALA A 169 -8.46 -11.41 -47.95
C ALA A 169 -7.05 -10.85 -48.11
N ALA A 170 -6.25 -11.47 -48.98
CA ALA A 170 -4.92 -10.95 -49.24
C ALA A 170 -4.99 -9.50 -49.73
N ALA A 171 -5.99 -9.18 -50.54
CA ALA A 171 -6.15 -7.82 -51.02
C ALA A 171 -6.43 -6.84 -49.89
N ILE A 172 -7.27 -7.22 -48.93
CA ILE A 172 -7.62 -6.27 -47.86
C ILE A 172 -6.45 -6.10 -46.90
N VAL A 173 -5.69 -7.17 -46.65
CA VAL A 173 -4.44 -6.99 -45.90
C VAL A 173 -3.52 -6.04 -46.65
N ARG A 174 -3.43 -6.19 -47.97
CA ARG A 174 -2.51 -5.39 -48.77
C ARG A 174 -2.89 -3.91 -48.68
N VAL A 175 -4.20 -3.62 -48.77
CA VAL A 175 -4.64 -2.23 -48.75
C VAL A 175 -4.49 -1.65 -47.34
N THR A 176 -4.77 -2.45 -46.30
CA THR A 176 -4.55 -1.95 -44.95
C THR A 176 -3.08 -1.58 -44.73
N TYR A 177 -2.17 -2.42 -45.21
CA TYR A 177 -0.75 -2.11 -45.06
C TYR A 177 -0.38 -0.85 -45.83
N ASN A 178 -0.77 -0.77 -47.11
CA ASN A 178 -0.36 0.42 -47.86
C ASN A 178 -1.12 1.68 -47.47
N PHE A 179 -2.19 1.58 -46.68
CA PHE A 179 -2.88 2.74 -46.13
C PHE A 179 -2.31 3.18 -44.80
N PHE A 180 -1.83 2.25 -43.98
CA PHE A 180 -1.21 2.58 -42.71
C PHE A 180 0.31 2.70 -42.79
N ARG A 181 0.90 2.50 -43.97
CA ARG A 181 2.33 2.76 -44.16
C ARG A 181 2.63 4.21 -44.46
N THR A 182 1.60 5.05 -44.56
CA THR A 182 1.81 6.47 -44.79
C THR A 182 2.61 7.06 -43.63
N PRO A 183 3.60 7.92 -43.91
CA PRO A 183 4.53 8.33 -42.84
C PRO A 183 3.86 8.96 -41.62
N GLN A 184 2.80 9.73 -41.79
CA GLN A 184 2.14 10.31 -40.62
C GLN A 184 1.30 9.29 -39.86
N MET A 185 1.08 8.11 -40.44
CA MET A 185 0.34 7.04 -39.78
C MET A 185 1.21 5.82 -39.50
N ARG A 186 2.53 5.96 -39.54
CA ARG A 186 3.41 4.82 -39.34
C ARG A 186 3.38 4.31 -37.90
N HIS A 187 3.24 5.21 -36.92
CA HIS A 187 3.29 4.80 -35.52
C HIS A 187 2.03 4.10 -35.07
N LEU A 188 0.96 4.16 -35.86
CA LEU A 188 -0.31 3.56 -35.44
C LEU A 188 -0.25 2.04 -35.54
N SER A 189 -0.65 1.37 -34.47
CA SER A 189 -0.71 -0.09 -34.45
C SER A 189 -2.10 -0.55 -34.89
N TRP A 190 -2.15 -1.61 -35.69
CA TRP A 190 -3.42 -2.08 -36.20
C TRP A 190 -3.53 -3.60 -36.17
N LEU A 191 -4.74 -4.06 -35.90
CA LEU A 191 -5.14 -5.46 -35.98
C LEU A 191 -6.44 -5.53 -36.77
N LEU A 192 -6.60 -6.61 -37.52
CA LEU A 192 -7.72 -6.79 -38.44
C LEU A 192 -8.42 -8.09 -38.09
N GLY A 193 -9.72 -8.01 -37.83
CA GLY A 193 -10.49 -9.18 -37.45
C GLY A 193 -11.83 -9.21 -38.16
N GLY A 194 -12.38 -10.42 -38.24
CA GLY A 194 -13.65 -10.64 -38.90
C GLY A 194 -13.65 -12.02 -39.54
N ASP A 195 -14.59 -12.20 -40.45
CA ASP A 195 -14.68 -13.44 -41.22
C ASP A 195 -13.93 -13.25 -42.53
N PHE A 196 -12.92 -14.10 -42.76
CA PHE A 196 -12.12 -14.02 -43.97
C PHE A 196 -12.52 -15.05 -45.01
N ASN A 197 -13.26 -16.10 -44.61
CA ASN A 197 -13.75 -17.13 -45.53
C ASN A 197 -12.62 -17.85 -46.24
N ARG A 198 -11.44 -17.88 -45.62
CA ARG A 198 -10.30 -18.60 -46.15
C ARG A 198 -9.43 -19.04 -44.98
N ALA A 199 -8.95 -20.28 -45.04
CA ALA A 199 -8.14 -20.81 -43.96
C ALA A 199 -6.83 -20.04 -43.83
N PRO A 200 -6.32 -19.88 -42.61
CA PRO A 200 -5.09 -19.08 -42.42
C PRO A 200 -3.89 -19.62 -43.16
N ASP A 201 -3.78 -20.95 -43.30
CA ASP A 201 -2.58 -21.53 -43.91
C ASP A 201 -2.43 -21.09 -45.36
N ARG A 202 -3.52 -21.09 -46.13
CA ARG A 202 -3.46 -20.60 -47.50
C ARG A 202 -3.11 -19.11 -47.55
N LEU A 203 -3.64 -18.33 -46.61
CA LEU A 203 -3.34 -16.89 -46.59
C LEU A 203 -1.87 -16.64 -46.33
N GLU A 204 -1.28 -17.33 -45.35
CA GLU A 204 0.15 -17.14 -45.12
C GLU A 204 0.98 -17.74 -46.26
N SER A 205 0.48 -18.78 -46.93
CA SER A 205 1.20 -19.35 -48.06
C SER A 205 1.30 -18.36 -49.21
N ASP A 206 0.18 -17.75 -49.59
CA ASP A 206 0.26 -16.79 -50.68
C ASP A 206 0.78 -15.42 -50.24
N LEU A 207 0.90 -15.19 -48.92
CA LEU A 207 1.69 -14.05 -48.46
C LEU A 207 3.18 -14.31 -48.63
N MET A 208 3.61 -15.53 -48.28
CA MET A 208 5.01 -15.91 -48.52
C MET A 208 5.32 -15.92 -50.01
N THR A 209 4.34 -16.27 -50.85
CA THR A 209 4.52 -16.14 -52.29
C THR A 209 4.73 -14.69 -52.68
N GLU A 210 3.99 -13.77 -52.05
CA GLU A 210 4.09 -12.34 -52.33
C GLU A 210 5.16 -11.66 -51.47
N HIS A 211 6.02 -12.44 -50.82
CA HIS A 211 7.18 -11.97 -50.06
C HIS A 211 6.81 -11.16 -48.84
N LEU A 212 5.54 -11.16 -48.43
CA LEU A 212 5.11 -10.46 -47.22
C LEU A 212 5.03 -11.42 -46.04
N GLU A 213 6.18 -11.99 -45.68
CA GLU A 213 6.22 -13.01 -44.63
C GLU A 213 6.33 -12.38 -43.24
N ARG A 214 7.35 -11.56 -43.03
CA ARG A 214 7.72 -11.09 -41.70
C ARG A 214 7.04 -9.78 -41.31
N LEU A 215 6.06 -9.31 -42.08
CA LEU A 215 5.49 -8.00 -41.84
C LEU A 215 4.16 -8.05 -41.10
N VAL A 216 3.36 -9.09 -41.33
CA VAL A 216 2.06 -9.24 -40.68
C VAL A 216 1.97 -10.64 -40.10
N THR A 217 1.50 -10.73 -38.85
CA THR A 217 1.29 -12.00 -38.18
C THR A 217 -0.16 -12.42 -38.28
N ILE A 218 -0.38 -13.72 -38.37
CA ILE A 218 -1.73 -14.30 -38.45
C ILE A 218 -1.98 -15.08 -37.18
N ILE A 219 -3.01 -14.69 -36.44
CA ILE A 219 -3.37 -15.33 -35.18
C ILE A 219 -4.71 -16.03 -35.37
N ALA A 220 -4.75 -17.32 -35.09
CA ALA A 220 -5.94 -18.14 -35.24
C ALA A 220 -5.94 -19.20 -34.15
N PRO A 221 -7.12 -19.64 -33.72
CA PRO A 221 -7.19 -20.76 -32.77
C PRO A 221 -6.82 -22.07 -33.44
N THR A 222 -6.38 -23.02 -32.62
CA THR A 222 -5.97 -24.33 -33.12
C THR A 222 -7.13 -25.29 -33.32
N GLU A 223 -8.36 -24.86 -33.01
CA GLU A 223 -9.54 -25.68 -33.18
C GLU A 223 -10.51 -25.01 -34.15
N PRO A 224 -11.26 -25.79 -34.93
CA PRO A 224 -12.16 -25.19 -35.93
C PRO A 224 -13.22 -24.31 -35.27
N THR A 225 -13.56 -23.22 -35.96
CA THR A 225 -14.44 -22.19 -35.44
C THR A 225 -15.87 -22.32 -35.94
N GLN A 226 -16.18 -23.36 -36.71
CA GLN A 226 -17.51 -23.51 -37.27
C GLN A 226 -17.97 -24.96 -37.10
N ILE A 227 -19.30 -25.13 -37.10
CA ILE A 227 -19.88 -26.47 -37.00
C ILE A 227 -19.47 -27.33 -38.19
N GLY A 228 -19.18 -26.71 -39.34
CA GLY A 228 -18.74 -27.41 -40.52
C GLY A 228 -17.26 -27.70 -40.58
N GLY A 229 -16.51 -27.39 -39.53
CA GLY A 229 -15.08 -27.66 -39.50
C GLY A 229 -14.19 -26.56 -40.04
N ASN A 230 -14.77 -25.41 -40.41
CA ASN A 230 -13.97 -24.31 -40.95
C ASN A 230 -13.08 -23.71 -39.87
N ILE A 231 -11.92 -23.21 -40.30
CA ILE A 231 -10.93 -22.64 -39.41
C ILE A 231 -10.82 -21.14 -39.73
N LEU A 232 -11.94 -20.55 -40.11
CA LEU A 232 -12.01 -19.14 -40.49
C LEU A 232 -12.03 -18.28 -39.22
N ASP A 233 -12.31 -16.98 -39.39
CA ASP A 233 -12.61 -16.06 -38.29
C ASP A 233 -11.38 -15.92 -37.38
N TYR A 234 -10.32 -15.37 -37.97
CA TYR A 234 -9.07 -15.14 -37.27
C TYR A 234 -8.64 -13.68 -37.41
N GLY A 235 -7.43 -13.35 -37.00
CA GLY A 235 -6.96 -11.98 -37.07
C GLY A 235 -5.60 -11.89 -37.73
N VAL A 236 -5.34 -10.74 -38.32
CA VAL A 236 -4.02 -10.41 -38.86
C VAL A 236 -3.57 -9.08 -38.25
N ILE A 237 -2.37 -9.08 -37.68
CA ILE A 237 -1.88 -7.98 -36.86
C ILE A 237 -0.58 -7.48 -37.44
N VAL A 238 -0.37 -6.15 -37.36
CA VAL A 238 0.89 -5.58 -37.82
C VAL A 238 2.00 -5.99 -36.86
N ASP A 239 3.15 -6.39 -37.43
CA ASP A 239 4.24 -6.93 -36.63
C ASP A 239 4.99 -5.83 -35.87
N ARG A 240 5.22 -4.68 -36.50
CA ARG A 240 5.99 -3.63 -35.87
C ARG A 240 5.28 -3.00 -34.68
N ALA A 241 4.00 -3.30 -34.47
CA ALA A 241 3.31 -2.87 -33.27
C ALA A 241 4.00 -3.48 -32.05
N PRO A 242 4.29 -2.69 -31.02
CA PRO A 242 4.94 -3.25 -29.82
C PRO A 242 4.05 -4.30 -29.17
N TYR A 243 4.69 -5.39 -28.74
CA TYR A 243 4.01 -6.49 -28.05
C TYR A 243 2.88 -7.07 -28.91
N SER A 244 3.13 -7.15 -30.21
CA SER A 244 2.16 -7.78 -31.11
C SER A 244 2.15 -9.30 -30.94
N GLN A 245 3.29 -9.89 -30.57
CA GLN A 245 3.32 -11.32 -30.27
C GLN A 245 2.59 -11.64 -28.97
N ARG A 246 2.36 -10.64 -28.10
CA ARG A 246 1.62 -10.87 -26.88
C ARG A 246 0.18 -11.28 -27.17
N VAL A 247 -0.47 -10.60 -28.11
CA VAL A 247 -1.86 -10.87 -28.42
C VAL A 247 -1.95 -12.15 -29.24
N GLU A 248 -2.79 -13.07 -28.79
CA GLU A 248 -3.02 -14.34 -29.46
C GLU A 248 -4.51 -14.61 -29.55
N ALA A 249 -4.93 -15.20 -30.67
CA ALA A 249 -6.33 -15.50 -30.92
C ALA A 249 -6.63 -16.90 -30.39
N LEU A 250 -7.62 -16.99 -29.50
CA LEU A 250 -8.05 -18.26 -28.94
C LEU A 250 -9.57 -18.28 -28.88
N ARG A 251 -10.14 -19.48 -28.90
CA ARG A 251 -11.58 -19.61 -28.91
C ARG A 251 -12.14 -19.55 -27.49
N ASN A 252 -13.29 -18.92 -27.35
CA ASN A 252 -13.95 -18.77 -26.06
C ASN A 252 -14.45 -20.12 -25.57
N PRO A 253 -14.74 -20.26 -24.28
CA PRO A 253 -15.29 -21.51 -23.77
C PRO A 253 -16.68 -21.76 -24.32
N GLN A 254 -17.10 -23.02 -24.23
CA GLN A 254 -18.29 -23.50 -24.94
C GLN A 254 -19.58 -22.93 -24.36
N LEU A 255 -20.08 -21.84 -24.96
CA LEU A 255 -21.38 -21.33 -24.59
C LEU A 255 -22.50 -22.26 -25.07
N ALA A 256 -22.20 -23.11 -26.06
CA ALA A 256 -23.14 -24.08 -26.61
C ALA A 256 -24.36 -23.42 -27.22
N SER A 257 -24.21 -22.18 -27.72
CA SER A 257 -25.30 -21.49 -28.39
C SER A 257 -25.24 -21.73 -29.89
N ASP A 258 -25.06 -22.99 -30.30
CA ASP A 258 -24.99 -23.41 -31.70
C ASP A 258 -23.89 -22.67 -32.47
N HIS A 259 -23.07 -21.87 -31.80
CA HIS A 259 -22.00 -21.09 -32.40
C HIS A 259 -21.24 -20.39 -31.29
N TYR A 260 -20.14 -19.74 -31.77
CA TYR A 260 -19.18 -19.07 -30.86
C TYR A 260 -18.28 -18.07 -31.64
N PRO A 261 -17.76 -17.00 -31.02
CA PRO A 261 -16.80 -16.10 -31.65
C PRO A 261 -15.37 -16.22 -31.10
N VAL A 262 -14.37 -15.61 -31.74
CA VAL A 262 -12.94 -15.77 -31.32
C VAL A 262 -12.49 -14.54 -30.50
N ALA A 263 -11.53 -14.70 -29.58
CA ALA A 263 -11.06 -13.53 -28.85
C ALA A 263 -9.54 -13.42 -28.93
N PHE A 264 -9.05 -12.18 -29.03
CA PHE A 264 -7.62 -11.90 -29.11
C PHE A 264 -7.14 -11.48 -27.72
N GLU A 265 -6.76 -12.47 -26.93
CA GLU A 265 -6.35 -12.23 -25.55
C GLU A 265 -4.85 -11.94 -25.53
N ALA A 266 -4.30 -11.75 -24.33
CA ALA A 266 -2.89 -11.46 -24.14
C ALA A 266 -2.24 -12.62 -23.41
N GLN A 267 -1.10 -13.08 -23.92
CA GLN A 267 -0.38 -14.17 -23.28
C GLN A 267 0.12 -13.76 -21.91
N HIS A 268 -0.05 -14.66 -20.94
CA HIS A 268 0.39 -14.37 -19.58
C HIS A 268 1.91 -14.40 -19.51
N CYS A 269 2.48 -13.38 -18.86
CA CYS A 269 3.93 -13.26 -18.76
C CYS A 269 4.48 -14.20 -17.68
N ILE B 19 0.75 14.99 -12.92
CA ILE B 19 2.13 15.46 -12.95
C ILE B 19 2.86 14.90 -14.17
N ASP B 20 3.40 15.80 -14.99
CA ASP B 20 4.16 15.39 -16.17
C ASP B 20 5.48 14.76 -15.78
N PHE B 21 6.05 13.95 -16.67
CA PHE B 21 7.36 13.34 -16.48
C PHE B 21 7.44 12.49 -15.21
N VAL B 22 6.69 11.41 -15.19
CA VAL B 22 6.75 10.42 -14.11
C VAL B 22 7.87 9.43 -14.42
N TYR B 23 8.31 8.71 -13.38
CA TYR B 23 9.50 7.88 -13.52
C TYR B 23 9.18 6.41 -13.26
N ARG B 24 9.90 5.54 -13.98
CA ARG B 24 9.80 4.10 -13.77
C ARG B 24 11.18 3.46 -13.80
N VAL B 25 11.41 2.49 -12.93
CA VAL B 25 12.68 1.79 -12.83
C VAL B 25 12.54 0.48 -13.60
N ASP B 26 13.46 0.25 -14.56
CA ASP B 26 13.40 -0.96 -15.37
C ASP B 26 14.81 -1.52 -15.56
N PRO B 27 15.00 -2.84 -15.36
CA PRO B 27 16.33 -3.42 -15.57
C PRO B 27 16.74 -3.53 -17.03
N ASN B 28 15.80 -3.44 -17.98
CA ASN B 28 16.15 -3.60 -19.38
C ASN B 28 16.94 -2.39 -19.88
N PRO B 29 17.83 -2.59 -20.85
CA PRO B 29 18.61 -1.48 -21.38
C PRO B 29 17.74 -0.53 -22.17
N PRO B 30 18.20 0.72 -22.39
CA PRO B 30 17.39 1.68 -23.15
C PRO B 30 17.09 1.22 -24.56
N ASP B 31 17.96 0.39 -25.13
CA ASP B 31 17.74 -0.13 -26.48
C ASP B 31 16.47 -0.96 -26.57
N VAL B 32 16.05 -1.58 -25.48
CA VAL B 32 14.84 -2.40 -25.49
C VAL B 32 13.58 -1.58 -25.21
N ILE B 33 13.63 -0.68 -24.22
CA ILE B 33 12.46 0.10 -23.83
C ILE B 33 12.21 1.28 -24.76
N PHE B 34 13.20 1.67 -25.57
CA PHE B 34 13.00 2.67 -26.59
C PHE B 34 12.45 2.09 -27.89
N ARG B 35 12.33 0.77 -27.98
CA ARG B 35 11.71 0.10 -29.12
C ARG B 35 10.38 -0.54 -28.77
N ASP B 36 10.30 -1.22 -27.63
CA ASP B 36 9.06 -1.87 -27.19
C ASP B 36 8.29 -0.97 -26.24
N GLY B 37 8.93 -0.59 -25.14
CA GLY B 37 8.29 0.19 -24.09
C GLY B 37 7.70 -0.70 -23.02
N PHE B 38 6.95 -0.08 -22.13
CA PHE B 38 6.28 -0.77 -21.04
C PHE B 38 4.91 -1.23 -21.49
N SER B 39 4.57 -2.49 -21.16
CA SER B 39 3.32 -3.10 -21.59
C SER B 39 2.50 -3.53 -20.38
N LEU B 40 1.18 -3.59 -20.59
CA LEU B 40 0.28 -4.02 -19.54
C LEU B 40 0.50 -5.49 -19.22
N LEU B 41 0.30 -5.85 -17.95
CA LEU B 41 0.54 -7.21 -17.50
C LEU B 41 -0.69 -8.09 -17.57
N GLY B 42 -1.87 -7.54 -17.86
CA GLY B 42 -3.07 -8.34 -17.93
C GLY B 42 -4.33 -7.55 -18.21
N TYR B 43 -5.41 -7.89 -17.52
CA TYR B 43 -6.70 -7.24 -17.76
C TYR B 43 -7.46 -6.88 -16.49
N ASN B 44 -6.87 -7.08 -15.30
CA ASN B 44 -7.56 -6.75 -14.07
C ASN B 44 -7.57 -5.24 -13.86
N ARG B 45 -8.75 -4.63 -13.90
CA ARG B 45 -8.90 -3.19 -13.75
C ARG B 45 -9.28 -2.77 -12.34
N ASP B 46 -9.37 -3.73 -11.41
CA ASP B 46 -9.74 -3.41 -10.04
C ASP B 46 -8.71 -2.50 -9.39
N LEU B 47 -9.18 -1.45 -8.73
CA LEU B 47 -8.31 -0.50 -8.04
C LEU B 47 -8.15 -0.82 -6.56
N GLN B 48 -8.72 -1.94 -6.11
CA GLN B 48 -8.50 -2.42 -4.77
C GLN B 48 -7.44 -3.52 -4.72
N GLN B 49 -7.17 -4.19 -5.84
CA GLN B 49 -6.10 -5.16 -5.93
C GLN B 49 -4.79 -4.57 -6.42
N LEU B 50 -4.83 -3.40 -7.05
CA LEU B 50 -3.61 -2.72 -7.50
C LEU B 50 -2.96 -1.90 -6.39
N ILE B 51 -3.75 -1.30 -5.51
CA ILE B 51 -3.21 -0.56 -4.38
C ILE B 51 -2.62 -1.49 -3.32
N SER B 52 -3.10 -2.72 -3.24
CA SER B 52 -2.60 -3.68 -2.26
C SER B 52 -1.66 -4.68 -2.92
N GLY B 53 -1.54 -4.61 -4.25
CA GLY B 53 -0.54 -5.37 -4.96
C GLY B 53 -0.84 -6.85 -5.13
N ARG B 54 -2.08 -7.28 -4.87
CA ARG B 54 -2.45 -8.67 -5.08
C ARG B 54 -2.61 -9.04 -6.55
N SER B 55 -2.62 -8.05 -7.46
CA SER B 55 -2.77 -8.32 -8.88
C SER B 55 -1.58 -7.81 -9.69
N CYS B 56 -0.45 -7.51 -9.02
CA CYS B 56 0.67 -6.93 -9.74
C CYS B 56 1.84 -7.89 -9.85
N ALA B 57 2.39 -8.34 -8.73
CA ALA B 57 3.47 -9.32 -8.75
C ALA B 57 3.37 -10.40 -7.69
N GLY B 58 2.66 -10.17 -6.58
CA GLY B 58 2.63 -11.10 -5.48
C GLY B 58 1.48 -12.07 -5.47
N GLY B 59 0.57 -11.99 -6.44
CA GLY B 59 -0.58 -12.89 -6.52
C GLY B 59 -0.91 -13.21 -7.95
N SER B 60 -2.20 -13.18 -8.27
CA SER B 60 -2.65 -13.40 -9.64
C SER B 60 -2.35 -12.16 -10.47
N SER B 61 -1.12 -12.07 -10.99
CA SER B 61 -0.65 -10.87 -11.66
C SER B 61 -1.32 -10.67 -13.03
N ASP B 62 -2.38 -9.89 -13.07
CA ASP B 62 -3.06 -9.57 -14.33
C ASP B 62 -3.51 -8.12 -14.36
N SER B 63 -2.81 -7.25 -13.65
CA SER B 63 -3.24 -5.85 -13.53
C SER B 63 -3.24 -5.16 -14.88
N ARG B 64 -4.33 -4.43 -15.15
CA ARG B 64 -4.43 -3.61 -16.36
C ARG B 64 -3.94 -2.19 -16.10
N TYR B 65 -2.73 -2.08 -15.54
CA TYR B 65 -2.15 -0.78 -15.22
C TYR B 65 -0.64 -0.89 -15.29
N ILE B 66 0.00 0.27 -15.43
CA ILE B 66 1.46 0.38 -15.35
C ILE B 66 1.74 1.50 -14.34
N VAL B 67 2.07 1.14 -13.11
CA VAL B 67 2.25 2.13 -12.06
C VAL B 67 3.62 2.79 -12.20
N THR B 68 3.61 4.12 -12.14
CA THR B 68 4.83 4.91 -12.27
C THR B 68 4.83 5.99 -11.20
N THR B 69 5.97 6.21 -10.58
CA THR B 69 6.07 7.21 -9.53
C THR B 69 6.35 8.59 -10.13
N SER B 70 5.78 9.62 -9.49
CA SER B 70 6.01 11.00 -9.87
C SER B 70 7.14 11.65 -9.09
N ASP B 71 7.62 11.02 -8.02
CA ASP B 71 8.71 11.56 -7.22
C ASP B 71 10.03 10.96 -7.65
N ILE B 72 11.03 11.81 -7.89
CA ILE B 72 12.36 11.34 -8.27
C ILE B 72 13.02 10.54 -7.16
N ASN B 73 12.65 10.79 -5.90
CA ASN B 73 13.23 10.06 -4.78
C ASN B 73 12.75 8.63 -4.67
N LYS B 74 11.54 8.33 -5.16
CA LYS B 74 11.05 6.96 -5.12
C LYS B 74 11.83 6.06 -6.08
N THR B 75 12.35 6.62 -7.18
CA THR B 75 13.18 5.84 -8.08
C THR B 75 14.44 5.34 -7.37
N TYR B 76 15.09 6.22 -6.60
CA TYR B 76 16.25 5.80 -5.82
C TYR B 76 15.89 4.78 -4.75
N ALA B 77 14.74 4.90 -4.11
CA ALA B 77 14.28 3.89 -3.17
C ALA B 77 14.08 2.53 -3.83
N ILE B 78 13.47 2.50 -5.02
CA ILE B 78 13.35 1.25 -5.76
C ILE B 78 14.70 0.69 -6.15
N ALA B 79 15.62 1.52 -6.64
CA ALA B 79 16.95 1.05 -7.01
C ALA B 79 17.71 0.48 -5.82
N ARG B 80 17.62 1.16 -4.67
CA ARG B 80 18.28 0.70 -3.46
C ARG B 80 17.66 -0.58 -2.91
N ALA B 81 16.39 -0.84 -3.20
CA ALA B 81 15.74 -2.08 -2.80
C ALA B 81 16.11 -3.27 -3.67
N TYR B 82 16.57 -3.04 -4.89
CA TYR B 82 17.02 -4.08 -5.79
C TYR B 82 18.52 -4.29 -5.76
N TYR B 83 19.29 -3.26 -5.39
CA TYR B 83 20.74 -3.34 -5.35
C TYR B 83 21.26 -3.74 -3.98
N SER B 84 20.39 -4.23 -3.08
CA SER B 84 20.81 -4.54 -1.73
C SER B 84 20.31 -5.93 -1.30
N HIS B 85 20.25 -6.87 -2.23
CA HIS B 85 19.87 -8.24 -1.93
C HIS B 85 20.96 -9.24 -2.29
N SER B 86 21.98 -8.82 -3.03
CA SER B 86 23.13 -9.66 -3.39
C SER B 86 22.72 -10.81 -4.31
N LYS B 87 21.44 -10.88 -4.66
CA LYS B 87 20.96 -11.89 -5.61
C LYS B 87 20.55 -11.29 -6.94
N PHE B 88 20.48 -9.96 -7.04
CA PHE B 88 20.08 -9.29 -8.27
C PHE B 88 21.33 -8.89 -9.05
N LYS B 89 21.40 -9.33 -10.31
CA LYS B 89 22.51 -9.00 -11.20
C LYS B 89 21.94 -8.32 -12.44
N GLY B 90 22.26 -7.04 -12.60
CA GLY B 90 21.76 -6.30 -13.74
C GLY B 90 22.04 -4.82 -13.58
N ASN B 91 21.57 -4.05 -14.57
CA ASN B 91 21.75 -2.61 -14.59
C ASN B 91 20.37 -1.96 -14.68
N LEU B 92 20.00 -1.23 -13.63
CA LEU B 92 18.71 -0.55 -13.60
C LEU B 92 18.78 0.78 -14.33
N TYR B 93 17.67 1.17 -14.95
CA TYR B 93 17.57 2.44 -15.66
C TYR B 93 16.29 3.14 -15.21
N ARG B 94 16.41 4.42 -14.89
CA ARG B 94 15.23 5.23 -14.61
C ARG B 94 14.75 5.87 -15.91
N TYR B 95 13.50 5.62 -16.26
CA TYR B 95 12.90 6.14 -17.46
C TYR B 95 11.92 7.24 -17.11
N LYS B 96 12.10 8.40 -17.75
CA LYS B 96 11.21 9.54 -17.62
C LYS B 96 10.16 9.48 -18.71
N ILE B 97 8.89 9.53 -18.31
CA ILE B 97 7.76 9.27 -19.19
C ILE B 97 6.83 10.47 -19.12
N ARG B 98 6.53 11.05 -20.29
CA ARG B 98 5.61 12.18 -20.36
C ARG B 98 4.20 11.69 -20.07
N ALA B 99 3.58 12.26 -19.03
CA ALA B 99 2.26 11.84 -18.61
C ALA B 99 1.21 12.46 -19.52
N ASP B 100 0.62 11.65 -20.38
CA ASP B 100 -0.46 12.10 -21.25
C ASP B 100 -1.80 11.88 -20.59
N ASN B 101 -2.89 12.00 -21.35
CA ASN B 101 -4.24 11.93 -20.81
C ASN B 101 -4.62 10.55 -20.31
N ASN B 102 -3.74 9.56 -20.44
CA ASN B 102 -4.01 8.21 -19.99
C ASN B 102 -3.46 7.92 -18.60
N PHE B 103 -2.86 8.91 -17.94
CA PHE B 103 -2.31 8.75 -16.60
C PHE B 103 -3.26 9.35 -15.57
N TYR B 104 -3.53 8.58 -14.52
CA TYR B 104 -4.48 9.01 -13.49
C TYR B 104 -3.84 8.87 -12.13
N SER B 105 -4.05 9.87 -11.28
CA SER B 105 -3.68 9.75 -9.87
C SER B 105 -4.63 8.81 -9.16
N LEU B 106 -4.16 8.21 -8.08
CA LEU B 106 -4.90 7.16 -7.38
C LEU B 106 -5.90 7.70 -6.37
N THR B 107 -5.77 8.94 -5.91
CA THR B 107 -6.68 9.47 -4.91
C THR B 107 -8.02 9.93 -5.50
N PRO B 108 -8.05 10.58 -6.70
CA PRO B 108 -9.35 10.97 -7.26
C PRO B 108 -10.27 9.78 -7.48
N SER B 109 -9.70 8.65 -7.92
CA SER B 109 -10.47 7.43 -8.12
C SER B 109 -10.83 6.73 -6.83
N VAL B 110 -9.96 6.77 -5.82
CA VAL B 110 -10.30 6.22 -4.51
C VAL B 110 -11.47 6.98 -3.90
N ASN B 111 -11.50 8.31 -4.06
CA ASN B 111 -12.63 9.09 -3.55
C ASN B 111 -13.93 8.66 -4.22
N TYR B 112 -13.90 8.44 -5.54
CA TYR B 112 -15.10 8.02 -6.25
C TYR B 112 -15.53 6.62 -5.80
N LEU B 113 -14.57 5.70 -5.66
CA LEU B 113 -14.89 4.36 -5.17
C LEU B 113 -15.43 4.36 -3.75
N GLU B 114 -15.01 5.29 -2.91
CA GLU B 114 -15.61 5.45 -1.58
C GLU B 114 -17.01 6.05 -1.65
N SER B 115 -17.24 7.00 -2.56
CA SER B 115 -18.58 7.55 -2.72
C SER B 115 -19.55 6.48 -3.21
N GLN B 116 -19.08 5.57 -4.06
CA GLN B 116 -19.91 4.48 -4.54
C GLN B 116 -20.19 3.41 -3.49
N GLY B 117 -19.51 3.46 -2.34
CA GLY B 117 -19.74 2.50 -1.28
C GLY B 117 -18.62 1.49 -1.11
N GLY B 118 -17.38 1.94 -1.25
CA GLY B 118 -16.23 1.10 -1.00
C GLY B 118 -15.37 1.71 0.08
N HIS B 119 -14.71 0.84 0.84
CA HIS B 119 -13.89 1.27 1.97
C HIS B 119 -12.43 1.00 1.68
N PHE B 120 -11.64 2.07 1.63
CA PHE B 120 -10.18 1.96 1.60
C PHE B 120 -9.66 2.30 2.99
N ASN B 121 -9.16 1.28 3.70
CA ASN B 121 -8.69 1.48 5.06
C ASN B 121 -7.44 2.34 5.07
N ALA B 122 -7.03 2.80 6.26
CA ALA B 122 -5.85 3.64 6.40
C ALA B 122 -4.57 2.96 5.94
N TYR B 123 -4.51 1.63 6.00
CA TYR B 123 -3.37 0.89 5.49
C TYR B 123 -3.15 1.07 4.00
N GLU B 124 -4.19 1.41 3.24
CA GLU B 124 -4.05 1.70 1.82
C GLU B 124 -3.96 3.18 1.50
N LYS B 125 -4.73 4.03 2.18
CA LYS B 125 -4.59 5.47 2.04
C LYS B 125 -3.22 5.97 2.47
N SER B 126 -2.53 5.22 3.32
CA SER B 126 -1.21 5.61 3.80
C SER B 126 -0.09 5.21 2.85
N MET B 127 -0.37 4.38 1.85
CA MET B 127 0.55 4.18 0.74
C MET B 127 0.15 4.88 -0.53
N ILE B 128 -1.12 5.22 -0.72
CA ILE B 128 -1.48 6.04 -1.88
C ILE B 128 -0.73 7.36 -1.76
N ARG B 129 -0.47 7.79 -0.54
CA ARG B 129 0.36 8.96 -0.26
C ARG B 129 1.86 8.67 -0.35
N LEU B 130 2.33 7.55 0.20
CA LEU B 130 3.75 7.25 0.19
C LEU B 130 4.30 7.01 -1.22
N GLN B 131 3.61 6.21 -2.02
CA GLN B 131 4.12 5.80 -3.32
C GLN B 131 4.04 6.91 -4.36
N SER B 132 3.07 7.81 -4.20
CA SER B 132 2.83 8.89 -5.17
C SER B 132 2.59 8.30 -6.56
N GLU B 133 1.72 7.31 -6.64
CA GLU B 133 1.47 6.58 -7.88
C GLU B 133 0.74 7.47 -8.89
N TYR B 134 1.08 7.27 -10.17
CA TYR B 134 0.32 7.82 -11.27
C TYR B 134 0.12 6.73 -12.31
N VAL B 135 -0.98 5.99 -12.21
CA VAL B 135 -1.12 4.75 -12.96
C VAL B 135 -1.52 5.05 -14.40
N SER B 136 -0.97 4.27 -15.33
CA SER B 136 -1.32 4.35 -16.74
C SER B 136 -2.21 3.16 -17.09
N THR B 137 -3.40 3.45 -17.64
CA THR B 137 -4.36 2.42 -17.99
C THR B 137 -4.02 1.69 -19.28
N LEU B 138 -3.08 2.21 -20.07
CA LEU B 138 -2.68 1.59 -21.32
C LEU B 138 -1.16 1.47 -21.35
N SER B 139 -0.67 0.57 -22.19
CA SER B 139 0.77 0.36 -22.32
C SER B 139 1.45 1.65 -22.76
N ILE B 140 2.62 1.91 -22.15
CA ILE B 140 3.35 3.15 -22.38
C ILE B 140 3.99 3.06 -23.75
N LEU B 141 3.70 4.05 -24.60
CA LEU B 141 4.31 4.13 -25.92
C LEU B 141 5.80 4.45 -25.78
N PRO B 142 6.62 3.98 -26.73
CA PRO B 142 8.04 4.36 -26.72
C PRO B 142 8.22 5.85 -26.98
N GLU B 143 7.18 6.49 -27.50
CA GLU B 143 7.19 7.93 -27.76
C GLU B 143 6.91 8.76 -26.53
N ASN B 144 6.49 8.15 -25.41
CA ASN B 144 6.29 8.87 -24.17
C ASN B 144 7.54 8.91 -23.30
N ILE B 145 8.48 7.99 -23.51
CA ILE B 145 9.70 7.91 -22.72
C ILE B 145 10.71 8.90 -23.29
N GLN B 146 11.10 9.88 -22.49
CA GLN B 146 12.00 10.93 -22.93
C GLN B 146 13.47 10.64 -22.63
N LYS B 147 13.78 10.09 -21.47
CA LYS B 147 15.17 9.94 -21.06
C LYS B 147 15.32 8.67 -20.24
N ALA B 148 16.51 8.06 -20.33
CA ALA B 148 16.84 6.88 -19.56
C ALA B 148 18.17 7.11 -18.88
N VAL B 149 18.17 7.08 -17.55
CA VAL B 149 19.35 7.36 -16.74
C VAL B 149 19.77 6.05 -16.09
N ALA B 150 20.96 5.56 -16.43
CA ALA B 150 21.50 4.37 -15.79
C ALA B 150 21.81 4.64 -14.33
N LEU B 151 21.48 3.69 -13.47
CA LEU B 151 21.73 3.81 -12.03
C LEU B 151 22.84 2.86 -11.65
N VAL B 152 24.02 3.40 -11.35
CA VAL B 152 25.21 2.62 -11.04
C VAL B 152 25.36 2.51 -9.53
N TYR B 153 25.60 1.30 -9.05
CA TYR B 153 25.67 0.97 -7.64
C TYR B 153 27.13 0.76 -7.27
N ASP B 154 27.72 1.74 -6.56
CA ASP B 154 29.06 1.57 -6.04
C ASP B 154 29.01 0.62 -4.83
N SER B 155 29.41 -0.63 -5.05
CA SER B 155 29.28 -1.64 -4.00
C SER B 155 30.11 -1.30 -2.77
N SER B 156 31.32 -0.77 -2.97
CA SER B 156 32.17 -0.41 -1.84
C SER B 156 31.52 0.68 -0.99
N THR B 157 30.95 1.69 -1.63
CA THR B 157 30.31 2.79 -0.92
C THR B 157 28.84 2.52 -0.60
N GLY B 158 28.20 1.58 -1.31
CA GLY B 158 26.80 1.30 -1.08
C GLY B 158 25.88 2.41 -1.53
N GLN B 159 26.33 3.20 -2.51
CA GLN B 159 25.60 4.36 -2.99
C GLN B 159 25.18 4.14 -4.44
N ILE B 160 23.94 4.49 -4.75
CA ILE B 160 23.41 4.44 -6.11
C ILE B 160 23.44 5.85 -6.69
N LYS B 161 24.07 6.01 -7.84
CA LYS B 161 24.21 7.33 -8.46
C LYS B 161 23.84 7.26 -9.93
N ASP B 162 23.47 8.41 -10.48
CA ASP B 162 23.07 8.50 -11.87
C ASP B 162 24.27 8.28 -12.80
N GLY B 163 24.04 7.55 -13.88
CA GLY B 163 25.09 7.27 -14.84
C GLY B 163 24.90 8.00 -16.16
N THR B 164 24.97 7.27 -17.27
CA THR B 164 24.80 7.86 -18.58
C THR B 164 23.32 8.10 -18.85
N SER B 165 22.96 9.38 -19.06
CA SER B 165 21.57 9.76 -19.30
C SER B 165 21.33 9.83 -20.80
N THR B 166 20.97 8.68 -21.37
CA THR B 166 20.65 8.63 -22.79
C THR B 166 19.29 9.25 -23.06
N ILE B 167 19.16 9.85 -24.23
CA ILE B 167 17.94 10.56 -24.62
C ILE B 167 17.34 9.83 -25.82
N ASN B 168 16.05 9.51 -25.72
CA ASN B 168 15.36 8.80 -26.79
C ASN B 168 15.16 9.71 -27.99
N THR B 169 15.51 9.20 -29.17
CA THR B 169 15.27 9.91 -30.42
C THR B 169 13.89 9.60 -31.01
N ASP B 170 13.13 8.70 -30.37
CA ASP B 170 11.78 8.37 -30.77
C ASP B 170 10.76 9.20 -30.01
N TYR B 171 11.12 9.71 -28.83
CA TYR B 171 10.20 10.49 -28.00
C TYR B 171 9.61 11.65 -28.78
N VAL B 172 8.30 11.81 -28.66
CA VAL B 172 7.55 12.88 -29.32
C VAL B 172 7.20 13.92 -28.27
N SER B 173 7.72 15.14 -28.43
CA SER B 173 7.61 16.17 -27.40
C SER B 173 6.33 16.99 -27.60
N ILE B 174 5.22 16.37 -27.23
CA ILE B 174 3.94 17.07 -27.16
C ILE B 174 3.75 17.62 -25.74
N SER B 175 2.83 18.57 -25.59
CA SER B 175 2.52 19.12 -24.29
C SER B 175 1.26 18.48 -23.73
N SER B 176 1.41 17.80 -22.60
CA SER B 176 0.29 17.12 -21.96
C SER B 176 0.59 16.95 -20.48
N VAL B 177 -0.47 16.76 -19.71
CA VAL B 177 -0.36 16.54 -18.27
C VAL B 177 -1.21 15.32 -17.92
N SER B 178 -0.95 14.74 -16.75
CA SER B 178 -1.74 13.61 -16.28
C SER B 178 -3.20 14.01 -16.12
N ASN B 179 -4.10 13.11 -16.52
CA ASN B 179 -5.51 13.42 -16.51
C ASN B 179 -6.03 13.51 -15.08
N PRO B 180 -6.57 14.65 -14.66
CA PRO B 180 -7.20 14.72 -13.33
C PRO B 180 -8.63 14.23 -13.36
N GLY B 181 -8.90 13.12 -12.69
CA GLY B 181 -10.24 12.57 -12.68
C GLY B 181 -10.23 11.12 -12.22
N VAL B 182 -11.31 10.42 -12.53
CA VAL B 182 -11.51 9.03 -12.13
C VAL B 182 -11.13 8.13 -13.29
N ILE B 183 -10.54 6.99 -12.99
CA ILE B 183 -10.19 5.99 -14.00
C ILE B 183 -11.47 5.44 -14.60
N PRO B 184 -11.62 5.49 -15.93
CA PRO B 184 -12.86 4.98 -16.54
C PRO B 184 -12.99 3.48 -16.34
N PHE B 185 -14.25 3.02 -16.32
CA PHE B 185 -14.62 1.62 -16.24
C PHE B 185 -14.09 0.93 -15.00
N LEU B 186 -14.00 1.64 -13.88
CA LEU B 186 -13.50 1.05 -12.65
C LEU B 186 -14.47 -0.01 -12.14
N PRO B 187 -14.01 -1.24 -11.89
CA PRO B 187 -14.93 -2.27 -11.38
C PRO B 187 -15.55 -1.86 -10.05
N GLU B 188 -16.76 -2.37 -9.82
CA GLU B 188 -17.47 -2.06 -8.59
C GLU B 188 -16.69 -2.57 -7.37
N PRO B 189 -16.69 -1.81 -6.27
CA PRO B 189 -15.92 -2.21 -5.09
C PRO B 189 -16.42 -3.50 -4.47
N GLN B 190 -15.57 -4.12 -3.65
CA GLN B 190 -15.94 -5.34 -2.95
C GLN B 190 -16.12 -5.05 -1.46
N ALA B 191 -16.38 -6.09 -0.67
CA ALA B 191 -16.50 -5.91 0.77
C ALA B 191 -15.13 -5.58 1.38
N ASN B 192 -15.15 -5.12 2.62
CA ASN B 192 -13.90 -4.78 3.30
C ASN B 192 -13.18 -6.08 3.65
N THR B 193 -12.29 -6.51 2.76
CA THR B 193 -11.63 -7.81 2.93
C THR B 193 -10.48 -7.73 3.93
N GLN B 194 -9.85 -6.57 4.06
CA GLN B 194 -8.64 -6.41 4.86
C GLN B 194 -7.58 -7.41 4.39
N GLN B 195 -7.20 -7.33 3.12
CA GLN B 195 -6.35 -8.31 2.49
C GLN B 195 -4.89 -7.88 2.56
N ARG B 196 -4.01 -8.79 2.12
CA ARG B 196 -2.58 -8.53 2.12
C ARG B 196 -2.24 -7.33 1.24
N ILE B 197 -1.37 -6.47 1.75
CA ILE B 197 -0.84 -5.32 1.01
C ILE B 197 0.62 -5.63 0.70
N ASP B 198 0.88 -6.07 -0.53
CA ASP B 198 2.22 -6.48 -0.91
C ASP B 198 3.12 -5.27 -1.10
N ALA B 199 4.32 -5.33 -0.53
CA ALA B 199 5.27 -4.23 -0.60
C ALA B 199 6.68 -4.80 -0.57
N PHE B 200 7.65 -3.97 -0.94
CA PHE B 200 9.05 -4.36 -0.94
C PHE B 200 9.91 -3.13 -0.65
N GLY B 201 11.12 -3.37 -0.16
CA GLY B 201 12.03 -2.27 0.11
C GLY B 201 11.51 -1.37 1.20
N SER B 202 11.69 -0.06 1.00
CA SER B 202 11.26 0.95 1.96
C SER B 202 9.81 1.32 1.69
N LEU B 203 8.93 0.37 1.98
CA LEU B 203 7.48 0.53 1.81
C LEU B 203 7.14 0.98 0.38
N ILE B 204 7.75 0.29 -0.58
CA ILE B 204 7.48 0.51 -1.99
C ILE B 204 6.46 -0.50 -2.46
N SER B 205 5.46 -0.03 -3.20
CA SER B 205 4.39 -0.91 -3.66
C SER B 205 4.94 -2.01 -4.56
N SER B 206 4.34 -3.19 -4.44
CA SER B 206 4.74 -4.33 -5.26
C SER B 206 4.47 -4.11 -6.74
N CYS B 207 3.66 -3.13 -7.11
CA CYS B 207 3.43 -2.76 -8.49
C CYS B 207 4.60 -1.99 -9.09
N PHE B 208 5.52 -1.51 -8.26
CA PHE B 208 6.74 -0.87 -8.72
C PHE B 208 7.84 -1.87 -9.02
N SER B 209 7.62 -3.15 -8.75
CA SER B 209 8.63 -4.18 -8.93
C SER B 209 8.95 -4.41 -10.39
N ILE B 210 10.01 -5.18 -10.66
CA ILE B 210 10.43 -5.48 -12.02
C ILE B 210 9.39 -6.27 -12.81
N TYR B 211 8.80 -7.31 -12.20
CA TYR B 211 7.87 -8.19 -12.88
C TYR B 211 6.41 -7.78 -12.67
N SER B 212 6.17 -6.49 -12.45
CA SER B 212 4.82 -5.95 -12.42
C SER B 212 4.38 -5.43 -13.78
N VAL B 213 5.28 -5.49 -14.78
CA VAL B 213 4.96 -5.16 -16.15
C VAL B 213 5.46 -6.30 -17.02
N CYS B 214 4.97 -6.34 -18.27
CA CYS B 214 5.34 -7.42 -19.17
C CYS B 214 6.83 -7.36 -19.48
N GLN B 215 7.58 -8.36 -19.01
CA GLN B 215 9.01 -8.44 -19.25
C GLN B 215 9.36 -9.34 -20.43
N THR B 216 8.35 -9.83 -21.15
CA THR B 216 8.60 -10.67 -22.33
C THR B 216 8.70 -9.79 -23.57
N HIS B 217 9.90 -9.24 -23.77
CA HIS B 217 10.17 -8.36 -24.90
C HIS B 217 10.56 -9.19 -26.11
N ARG B 218 9.75 -9.12 -27.16
CA ARG B 218 9.99 -9.81 -28.43
C ARG B 218 10.21 -11.31 -28.20
N GLY B 219 9.32 -11.88 -27.39
CA GLY B 219 9.35 -13.29 -27.11
C GLY B 219 10.37 -13.69 -26.07
N GLN B 220 11.43 -12.89 -25.91
CA GLN B 220 12.46 -13.18 -24.94
C GLN B 220 12.05 -12.66 -23.56
N LYS B 221 12.28 -13.49 -22.55
CA LYS B 221 11.91 -13.18 -21.18
C LYS B 221 13.14 -12.72 -20.41
N THR B 222 13.00 -11.58 -19.72
CA THR B 222 14.08 -11.03 -18.91
C THR B 222 14.18 -11.84 -17.62
N GLU B 223 15.31 -12.53 -17.43
CA GLU B 223 15.50 -13.42 -16.29
C GLU B 223 16.33 -12.69 -15.23
N VAL B 224 15.63 -12.01 -14.32
CA VAL B 224 16.28 -11.34 -13.21
C VAL B 224 15.67 -11.84 -11.90
N TYR B 225 16.14 -11.28 -10.78
CA TYR B 225 15.68 -11.70 -9.47
C TYR B 225 14.18 -11.41 -9.29
N LYS B 226 13.49 -12.38 -8.67
CA LYS B 226 12.10 -12.22 -8.29
C LYS B 226 12.05 -11.60 -6.91
N MET B 227 11.53 -10.37 -6.83
CA MET B 227 11.62 -9.61 -5.60
C MET B 227 10.71 -10.22 -4.53
N PRO B 228 11.24 -10.57 -3.36
CA PRO B 228 10.39 -11.09 -2.28
C PRO B 228 9.59 -9.97 -1.62
N PHE B 229 8.28 -10.15 -1.49
CA PHE B 229 7.39 -9.14 -0.94
C PHE B 229 7.01 -9.47 0.49
N TYR B 230 6.73 -8.42 1.26
CA TYR B 230 6.32 -8.55 2.65
C TYR B 230 5.03 -7.79 2.87
N ASP B 231 4.23 -8.26 3.82
CA ASP B 231 2.99 -7.57 4.17
C ASP B 231 3.31 -6.22 4.82
N ALA B 232 2.67 -5.17 4.31
CA ALA B 232 2.92 -3.82 4.76
C ALA B 232 2.04 -3.37 5.91
N ARG B 233 0.94 -4.07 6.20
CA ARG B 233 0.08 -3.69 7.31
C ARG B 233 0.84 -3.68 8.63
N PRO B 234 1.65 -4.70 8.97
CA PRO B 234 2.48 -4.58 10.19
C PRO B 234 3.44 -3.40 10.16
N VAL B 235 4.02 -3.09 9.00
CA VAL B 235 4.98 -1.99 8.88
C VAL B 235 4.32 -0.63 9.00
N ILE B 236 3.11 -0.45 8.45
CA ILE B 236 2.36 0.79 8.61
C ILE B 236 1.81 0.92 10.03
N GLN B 237 1.37 -0.18 10.64
CA GLN B 237 0.94 -0.18 12.03
C GLN B 237 2.13 0.07 12.96
N PHE B 238 3.34 0.00 12.43
CA PHE B 238 4.56 0.24 13.20
C PHE B 238 5.00 1.70 13.19
N ILE B 239 4.54 2.51 12.24
CA ILE B 239 4.85 3.93 12.20
C ILE B 239 3.62 4.77 12.50
N ILE B 240 2.43 4.31 12.09
CA ILE B 240 1.19 5.03 12.39
C ILE B 240 0.81 4.94 13.87
N SER B 241 1.45 4.06 14.64
CA SER B 241 1.13 3.86 16.04
C SER B 241 2.38 4.04 16.89
N GLY B 242 3.12 5.13 16.62
CA GLY B 242 4.34 5.41 17.35
C GLY B 242 5.42 4.37 17.14
N ASN B 243 5.88 3.76 18.21
CA ASN B 243 6.89 2.70 18.16
C ASN B 243 8.17 3.16 17.46
N GLU C 22 8.35 -18.64 37.54
CA GLU C 22 7.35 -18.42 36.50
C GLU C 22 8.01 -18.23 35.14
N TRP C 23 7.48 -18.90 34.12
CA TRP C 23 8.01 -18.83 32.77
C TRP C 23 7.00 -19.43 31.81
N THR C 24 6.91 -18.88 30.60
CA THR C 24 6.02 -19.43 29.59
C THR C 24 6.69 -20.60 28.87
N GLY C 25 7.06 -21.60 29.63
CA GLY C 25 7.59 -22.83 29.05
C GLY C 25 7.72 -23.77 30.22
N ASP C 26 7.06 -23.40 31.30
CA ASP C 26 7.12 -24.20 32.53
C ASP C 26 6.55 -25.54 32.12
N TYR C 27 5.69 -25.56 31.12
CA TYR C 27 5.12 -26.84 30.61
C TYR C 27 4.29 -27.48 31.73
N GLU C 28 4.84 -27.45 32.93
CA GLU C 28 4.13 -28.05 34.07
C GLU C 28 2.88 -27.22 34.30
N ASN C 29 2.71 -26.16 33.53
CA ASN C 29 1.47 -25.36 33.62
C ASN C 29 1.21 -24.77 32.25
N ILE C 30 2.05 -23.85 31.81
CA ILE C 30 1.77 -23.18 30.52
C ILE C 30 1.51 -24.22 29.44
N GLY C 31 0.29 -24.30 28.89
CA GLY C 31 -0.05 -25.14 27.75
C GLY C 31 -0.12 -24.31 26.49
N TYR C 32 0.34 -24.84 25.38
CA TYR C 32 0.36 -24.10 24.12
C TYR C 32 -0.47 -24.79 23.05
N PHE C 33 -1.13 -23.97 22.24
CA PHE C 33 -1.75 -24.41 21.00
C PHE C 33 -0.96 -23.82 19.84
N SER C 34 -0.50 -24.71 18.95
CA SER C 34 0.35 -24.33 17.83
C SER C 34 -0.48 -24.16 16.57
N HIS C 35 0.06 -23.36 15.65
CA HIS C 35 -0.57 -23.09 14.36
C HIS C 35 -1.97 -22.51 14.52
N GLU C 36 -2.12 -21.66 15.54
CA GLU C 36 -3.32 -20.88 15.75
C GLU C 36 -3.29 -19.65 14.87
N VAL C 37 -4.41 -18.94 14.80
CA VAL C 37 -4.42 -17.60 14.22
C VAL C 37 -5.43 -16.76 15.01
N ILE C 38 -5.01 -15.55 15.39
CA ILE C 38 -5.85 -14.70 16.23
C ILE C 38 -6.99 -14.17 15.36
N SER C 39 -8.22 -14.55 15.69
CA SER C 39 -9.38 -14.15 14.91
C SER C 39 -10.16 -13.00 15.53
N GLU C 40 -10.30 -12.98 16.86
CA GLU C 40 -11.06 -11.92 17.52
C GLU C 40 -10.22 -11.28 18.61
N PHE C 41 -10.39 -9.97 18.78
CA PHE C 41 -9.67 -9.18 19.77
C PHE C 41 -10.68 -8.38 20.59
N HIS C 42 -10.48 -8.35 21.91
CA HIS C 42 -11.33 -7.59 22.82
C HIS C 42 -10.46 -6.86 23.82
N VAL C 43 -10.86 -5.64 24.17
CA VAL C 43 -10.20 -4.86 25.21
C VAL C 43 -11.26 -4.31 26.16
N GLY C 44 -10.88 -4.15 27.42
CA GLY C 44 -11.78 -3.61 28.41
C GLY C 44 -11.07 -3.36 29.73
N GLN C 45 -11.86 -3.13 30.77
CA GLN C 45 -11.32 -2.91 32.11
C GLN C 45 -12.08 -3.76 33.10
N ILE C 46 -11.35 -4.46 33.98
CA ILE C 46 -11.96 -5.24 35.05
C ILE C 46 -11.22 -4.89 36.33
N ASP C 47 -11.99 -4.58 37.38
CA ASP C 47 -11.48 -4.36 38.73
C ASP C 47 -10.30 -3.41 38.78
N GLY C 48 -10.42 -2.24 38.16
CA GLY C 48 -9.34 -1.27 38.15
C GLY C 48 -8.09 -1.76 37.44
N GLY C 49 -8.27 -2.39 36.30
CA GLY C 49 -7.16 -2.89 35.53
C GLY C 49 -7.52 -3.20 34.09
N ALA C 50 -6.71 -2.73 33.16
CA ALA C 50 -6.96 -2.97 31.74
C ALA C 50 -6.69 -4.43 31.39
N TYR C 51 -7.60 -5.02 30.61
CA TYR C 51 -7.46 -6.39 30.17
C TYR C 51 -7.72 -6.48 28.67
N PHE C 52 -7.07 -7.44 28.04
CA PHE C 52 -7.27 -7.74 26.63
C PHE C 52 -7.38 -9.25 26.45
N CYS C 53 -8.24 -9.67 25.54
CA CYS C 53 -8.49 -11.09 25.32
C CYS C 53 -8.49 -11.38 23.83
N ILE C 54 -7.99 -12.56 23.46
CA ILE C 54 -7.84 -12.97 22.07
C ILE C 54 -8.51 -14.32 21.86
N LYS C 55 -9.12 -14.51 20.71
CA LYS C 55 -9.74 -15.80 20.35
C LYS C 55 -8.99 -16.39 19.18
N ALA C 56 -8.39 -17.57 19.34
CA ALA C 56 -7.58 -18.17 18.26
C ALA C 56 -8.29 -19.38 17.64
N VAL C 57 -8.25 -19.47 16.31
CA VAL C 57 -8.85 -20.60 15.53
C VAL C 57 -7.78 -21.15 14.59
N LYS C 58 -7.62 -22.48 14.53
CA LYS C 58 -6.60 -23.11 13.64
C LYS C 58 -6.74 -22.55 12.23
N ALA C 59 -5.63 -22.10 11.64
CA ALA C 59 -5.66 -21.54 10.27
C ALA C 59 -6.10 -22.63 9.31
N ASP C 60 -5.89 -23.90 9.70
CA ASP C 60 -6.30 -25.05 8.86
C ASP C 60 -7.68 -25.55 9.29
N GLY C 61 -8.59 -24.63 9.62
CA GLY C 61 -9.96 -24.98 10.01
C GLY C 61 -10.00 -26.42 10.45
N SER C 62 -9.05 -26.85 11.28
CA SER C 62 -9.06 -28.22 11.84
C SER C 62 -9.95 -28.10 13.09
N ARG C 63 -11.00 -27.31 12.99
CA ARG C 63 -11.93 -27.11 14.13
C ARG C 63 -11.15 -26.91 15.43
N SER C 64 -11.63 -27.46 16.55
CA SER C 64 -11.03 -27.27 17.90
C SER C 64 -11.74 -26.08 18.54
N THR C 65 -12.27 -26.27 19.74
CA THR C 65 -13.04 -25.16 20.35
C THR C 65 -12.15 -23.92 20.26
N PRO C 66 -12.54 -22.83 19.58
CA PRO C 66 -11.68 -21.68 19.55
C PRO C 66 -11.00 -21.50 20.90
N LEU C 67 -9.71 -21.19 20.90
CA LEU C 67 -8.95 -20.90 22.12
C LEU C 67 -9.09 -19.43 22.48
N ILE C 68 -9.58 -19.17 23.69
CA ILE C 68 -9.76 -17.81 24.18
C ILE C 68 -8.77 -17.62 25.32
N ALA C 69 -7.84 -16.68 25.14
CA ALA C 69 -6.81 -16.38 26.14
C ALA C 69 -6.92 -14.91 26.54
N CYS C 70 -7.08 -14.67 27.83
CA CYS C 70 -7.24 -13.33 28.38
C CYS C 70 -5.94 -12.90 29.06
N SER C 71 -5.87 -11.61 29.40
CA SER C 71 -4.72 -11.09 30.12
C SER C 71 -5.10 -9.77 30.77
N VAL C 72 -4.92 -9.68 32.08
CA VAL C 72 -5.26 -8.48 32.86
C VAL C 72 -3.96 -7.81 33.31
N SER C 73 -3.89 -6.48 33.16
CA SER C 73 -2.68 -5.75 33.48
C SER C 73 -2.36 -5.80 34.97
N ASN C 74 -3.38 -5.64 35.82
CA ASN C 74 -3.15 -5.52 37.26
C ASN C 74 -3.14 -6.90 37.94
N GLU C 75 -4.17 -7.69 37.73
CA GLU C 75 -4.27 -8.98 38.41
C GLU C 75 -3.26 -9.98 37.84
N SER C 76 -3.12 -11.09 38.55
CA SER C 76 -2.36 -12.27 38.12
C SER C 76 -0.86 -12.06 38.25
N VAL C 77 -0.12 -13.17 38.26
CA VAL C 77 1.34 -13.10 38.26
C VAL C 77 1.86 -12.52 36.96
N TRP C 78 1.19 -12.82 35.84
CA TRP C 78 1.67 -12.42 34.52
C TRP C 78 1.31 -10.97 34.22
N ALA C 79 1.60 -10.07 35.15
CA ALA C 79 1.38 -8.64 34.95
C ALA C 79 2.51 -7.98 34.16
N PRO C 80 3.79 -8.20 34.50
CA PRO C 80 4.86 -7.45 33.81
C PRO C 80 4.91 -7.67 32.32
N SER C 81 4.34 -8.76 31.81
CA SER C 81 4.31 -9.03 30.38
C SER C 81 2.94 -8.75 29.79
N PHE C 82 2.27 -7.71 30.30
CA PHE C 82 0.98 -7.34 29.72
C PHE C 82 1.14 -6.53 28.45
N LYS C 83 1.73 -5.34 28.54
CA LYS C 83 1.92 -4.46 27.39
C LYS C 83 2.86 -5.06 26.36
N VAL C 84 3.67 -6.04 26.73
CA VAL C 84 4.50 -6.76 25.77
C VAL C 84 3.68 -7.81 25.03
N LEU C 85 2.73 -8.45 25.71
CA LEU C 85 1.85 -9.39 25.02
C LEU C 85 0.73 -8.68 24.28
N LEU C 86 0.16 -7.62 24.87
CA LEU C 86 -0.91 -6.87 24.23
C LEU C 86 -0.46 -6.30 22.89
N GLU C 87 0.78 -5.82 22.80
CA GLU C 87 1.30 -5.30 21.55
C GLU C 87 1.83 -6.38 20.62
N GLN C 88 1.81 -7.65 21.04
CA GLN C 88 2.16 -8.75 20.16
C GLN C 88 0.93 -9.56 19.74
N ALA C 89 -0.15 -9.50 20.50
CA ALA C 89 -1.43 -10.01 20.06
C ALA C 89 -2.13 -9.05 19.12
N ARG C 90 -1.72 -7.78 19.10
CA ARG C 90 -2.25 -6.79 18.19
C ARG C 90 -1.44 -6.70 16.91
N TYR C 91 -0.24 -7.28 16.87
CA TYR C 91 0.57 -7.36 15.67
C TYR C 91 0.41 -8.68 14.93
N PHE C 92 0.13 -9.77 15.64
CA PHE C 92 -0.16 -11.07 15.05
C PHE C 92 -1.60 -11.19 14.60
N TYR C 93 -2.41 -10.16 14.86
CA TYR C 93 -3.80 -10.11 14.45
C TYR C 93 -4.02 -9.38 13.13
N VAL C 94 -3.32 -8.26 12.89
CA VAL C 94 -3.44 -7.57 11.62
C VAL C 94 -2.77 -8.38 10.51
N THR C 95 -1.73 -9.14 10.86
CA THR C 95 -1.01 -9.92 9.84
C THR C 95 -1.76 -11.19 9.47
N GLU C 96 -2.63 -11.68 10.37
CA GLU C 96 -3.29 -12.98 10.27
C GLU C 96 -2.26 -14.10 10.15
N GLN C 97 -1.07 -13.91 10.71
CA GLN C 97 0.00 -14.90 10.62
C GLN C 97 -0.25 -16.05 11.59
N SER C 98 0.11 -17.25 11.17
CA SER C 98 0.01 -18.43 12.02
C SER C 98 0.86 -18.24 13.28
N VAL C 99 0.31 -18.65 14.42
CA VAL C 99 0.87 -18.27 15.71
C VAL C 99 0.67 -19.37 16.74
N ARG C 100 1.68 -19.60 17.59
CA ARG C 100 1.55 -20.47 18.75
C ARG C 100 1.21 -19.63 19.96
N ILE C 101 0.16 -20.02 20.68
CA ILE C 101 -0.36 -19.27 21.82
C ILE C 101 -0.18 -20.11 23.07
N TYR C 102 0.49 -19.55 24.08
CA TYR C 102 0.65 -20.17 25.38
C TYR C 102 -0.37 -19.57 26.33
N TYR C 103 -0.95 -20.41 27.18
CA TYR C 103 -1.93 -19.96 28.17
C TYR C 103 -1.65 -20.64 29.50
N ASP C 104 -2.07 -20.00 30.59
CA ASP C 104 -2.03 -20.62 31.91
C ASP C 104 -3.47 -20.91 32.33
N HIS C 105 -3.81 -22.19 32.40
CA HIS C 105 -5.19 -22.59 32.65
C HIS C 105 -5.57 -22.35 34.11
N ASN C 106 -6.83 -21.96 34.33
CA ASN C 106 -7.34 -21.63 35.65
C ASN C 106 -6.55 -20.51 36.32
N VAL C 107 -6.62 -19.31 35.77
CA VAL C 107 -5.93 -18.15 36.34
C VAL C 107 -6.96 -17.15 36.88
N TRP C 108 -7.99 -16.88 36.09
CA TRP C 108 -9.00 -15.89 36.44
C TRP C 108 -10.09 -16.55 37.29
N THR C 109 -10.47 -15.87 38.37
CA THR C 109 -11.44 -16.41 39.32
C THR C 109 -12.82 -15.76 39.20
N ASN C 110 -12.90 -14.54 38.69
CA ASN C 110 -14.17 -13.84 38.56
C ASN C 110 -15.14 -14.61 37.68
N GLN C 111 -16.23 -15.07 38.27
CA GLN C 111 -17.21 -15.92 37.60
C GLN C 111 -17.82 -15.25 36.37
N PRO C 112 -18.25 -13.98 36.43
CA PRO C 112 -18.70 -13.31 35.19
C PRO C 112 -17.60 -13.20 34.14
N PHE C 113 -16.35 -13.05 34.55
CA PHE C 113 -15.25 -12.96 33.59
C PHE C 113 -14.96 -14.33 32.97
N VAL C 114 -14.96 -15.39 33.78
CA VAL C 114 -14.76 -16.74 33.28
C VAL C 114 -15.88 -17.19 32.36
N ASN C 115 -17.14 -16.93 32.72
CA ASN C 115 -18.28 -17.41 31.96
C ASN C 115 -18.39 -16.80 30.56
N THR C 116 -17.64 -15.74 30.27
CA THR C 116 -17.73 -15.12 28.96
C THR C 116 -16.49 -15.35 28.09
N PHE C 117 -15.28 -15.39 28.67
CA PHE C 117 -14.09 -15.54 27.85
C PHE C 117 -13.42 -16.86 28.17
N SER C 118 -12.89 -17.04 29.37
CA SER C 118 -12.11 -18.23 29.71
C SER C 118 -11.60 -18.11 31.13
N THR C 119 -10.96 -19.19 31.59
CA THR C 119 -10.03 -19.13 32.72
C THR C 119 -8.58 -18.96 32.27
N ASN C 120 -8.34 -18.92 30.96
CA ASN C 120 -6.99 -18.91 30.41
C ASN C 120 -6.36 -17.53 30.55
N ALA C 121 -5.03 -17.53 30.74
CA ALA C 121 -4.25 -16.31 30.80
C ALA C 121 -3.16 -16.36 29.75
N LEU C 122 -3.16 -15.37 28.85
CA LEU C 122 -2.18 -15.32 27.78
C LEU C 122 -0.79 -15.06 28.37
N VAL C 123 0.16 -15.94 28.07
CA VAL C 123 1.50 -15.87 28.65
C VAL C 123 2.59 -15.85 27.60
N GLY C 124 2.30 -16.23 26.36
CA GLY C 124 3.33 -16.29 25.34
C GLY C 124 2.76 -16.31 23.93
N LEU C 125 3.41 -15.59 23.01
CA LEU C 125 2.94 -15.46 21.65
C LEU C 125 4.13 -15.68 20.72
N SER C 126 4.18 -16.83 20.08
CA SER C 126 5.33 -17.20 19.24
C SER C 126 4.92 -17.25 17.77
N SER C 127 5.81 -16.85 16.89
CA SER C 127 5.49 -16.92 15.46
C SER C 127 5.75 -18.33 14.98
N CYS C 128 4.96 -18.82 14.03
CA CYS C 128 5.06 -20.21 13.56
C CYS C 128 5.23 -20.11 12.06
N SER C 129 5.80 -21.11 11.42
CA SER C 129 6.08 -20.95 9.96
C SER C 129 6.30 -22.29 9.26
N ALA C 130 5.86 -22.42 8.01
CA ALA C 130 6.12 -23.62 7.17
C ALA C 130 5.17 -24.77 7.47
N ALA C 131 4.24 -24.59 8.39
CA ALA C 131 3.36 -25.71 8.79
C ALA C 131 4.15 -26.69 9.65
N THR C 132 5.39 -26.32 9.99
CA THR C 132 6.20 -27.18 10.89
C THR C 132 7.04 -26.29 11.81
N ASP C 133 7.30 -26.73 13.04
CA ASP C 133 8.14 -25.98 14.00
C ASP C 133 7.41 -24.72 14.45
N CYS C 134 7.88 -24.09 15.52
CA CYS C 134 7.20 -22.91 16.07
C CYS C 134 8.17 -22.30 17.07
N PHE C 135 8.88 -21.23 16.73
CA PHE C 135 9.92 -20.74 17.65
C PHE C 135 9.39 -20.72 19.07
N GLY C 136 10.02 -21.44 19.98
CA GLY C 136 9.59 -21.23 21.33
C GLY C 136 9.72 -22.48 22.19
N PRO C 137 9.39 -22.37 23.47
CA PRO C 137 9.47 -23.53 24.35
C PRO C 137 8.44 -24.59 23.99
N GLY C 138 8.93 -25.75 23.59
CA GLY C 138 8.06 -26.86 23.24
C GLY C 138 8.16 -28.01 24.22
N LYS C 139 7.40 -29.07 24.00
CA LYS C 139 7.43 -30.23 24.88
C LYS C 139 7.55 -31.51 24.05
N PRO C 140 8.65 -32.26 24.20
CA PRO C 140 8.86 -33.50 23.45
C PRO C 140 8.29 -34.73 24.17
N GLU D 1 -15.98 -2.89 39.03
CA GLU D 1 -16.42 -2.48 37.70
C GLU D 1 -15.89 -3.43 36.63
N TRP D 2 -16.61 -3.51 35.51
CA TRP D 2 -16.25 -4.39 34.42
C TRP D 2 -17.00 -3.93 33.18
N THR D 3 -16.46 -4.28 32.01
CA THR D 3 -17.04 -3.95 30.72
C THR D 3 -18.40 -4.63 30.48
N GLY D 4 -18.70 -5.71 31.22
CA GLY D 4 -19.94 -6.43 31.02
C GLY D 4 -20.75 -6.55 32.29
N ASP D 5 -20.76 -5.50 33.12
CA ASP D 5 -21.52 -5.52 34.36
C ASP D 5 -23.01 -5.67 34.09
N SER D 6 -23.61 -4.66 33.44
CA SER D 6 -25.05 -4.50 33.22
C SER D 6 -25.37 -3.04 32.95
N SER D 7 -24.75 -2.14 33.73
CA SER D 7 -24.90 -0.71 33.48
C SER D 7 -24.19 -0.29 32.20
N ILE D 8 -23.26 -1.10 31.70
CA ILE D 8 -22.56 -0.81 30.46
C ILE D 8 -23.34 -1.48 29.33
N ASN D 9 -23.80 -0.67 28.37
CA ASN D 9 -24.55 -1.18 27.24
C ASN D 9 -23.68 -1.11 25.98
N TYR D 10 -23.87 -2.08 25.09
CA TYR D 10 -23.02 -2.22 23.92
C TYR D 10 -23.83 -2.05 22.64
N TYR D 11 -23.14 -1.56 21.60
CA TYR D 11 -23.68 -1.43 20.26
C TYR D 11 -22.79 -2.22 19.32
N SER D 12 -23.38 -3.20 18.64
CA SER D 12 -22.63 -4.15 17.81
C SER D 12 -22.68 -3.76 16.34
N ASP D 13 -21.77 -4.35 15.58
CA ASP D 13 -21.68 -4.12 14.13
C ASP D 13 -21.52 -2.65 13.81
N GLU D 14 -20.67 -1.97 14.56
CA GLU D 14 -20.39 -0.55 14.38
C GLU D 14 -18.98 -0.36 13.88
N VAL D 15 -18.78 0.62 13.00
CA VAL D 15 -17.47 0.96 12.48
C VAL D 15 -17.13 2.38 12.91
N ILE D 16 -15.88 2.57 13.32
CA ILE D 16 -15.40 3.88 13.76
C ILE D 16 -15.21 4.75 12.52
N SER D 17 -16.02 5.79 12.39
CA SER D 17 -15.93 6.70 11.25
C SER D 17 -15.17 7.98 11.58
N ASP D 18 -15.32 8.51 12.78
CA ASP D 18 -14.72 9.77 13.16
C ASP D 18 -13.98 9.64 14.49
N PHE D 19 -12.79 10.24 14.54
CA PHE D 19 -11.89 10.18 15.69
C PHE D 19 -11.55 11.60 16.10
N HIS D 20 -11.66 11.90 17.39
CA HIS D 20 -11.32 13.22 17.93
C HIS D 20 -10.37 13.06 19.11
N VAL D 21 -9.39 13.96 19.19
CA VAL D 21 -8.40 13.95 20.25
C VAL D 21 -8.27 15.35 20.83
N GLY D 22 -8.17 15.44 22.14
CA GLY D 22 -8.01 16.72 22.79
C GLY D 22 -7.60 16.58 24.25
N GLN D 23 -7.71 17.69 24.97
CA GLN D 23 -7.40 17.74 26.39
C GLN D 23 -8.53 18.45 27.10
N PHE D 24 -9.17 17.77 28.06
CA PHE D 24 -10.30 18.38 28.76
C PHE D 24 -9.84 19.27 29.90
N ASN D 25 -9.27 18.68 30.95
CA ASN D 25 -8.82 19.41 32.13
C ASN D 25 -7.75 18.57 32.82
N ARG D 26 -6.49 18.93 32.64
CA ARG D 26 -5.30 18.25 33.14
C ARG D 26 -5.20 16.82 32.65
N SER D 27 -6.13 16.38 31.79
CA SER D 27 -6.17 15.02 31.30
C SER D 27 -6.49 15.04 29.81
N ALA D 28 -5.84 14.15 29.07
CA ALA D 28 -6.08 13.98 27.65
C ALA D 28 -7.28 13.08 27.43
N TYR D 29 -8.12 13.46 26.47
CA TYR D 29 -9.33 12.71 26.18
C TYR D 29 -9.39 12.39 24.69
N PHE D 30 -10.02 11.26 24.37
CA PHE D 30 -10.27 10.89 22.99
C PHE D 30 -11.70 10.40 22.84
N CYS D 31 -12.29 10.69 21.68
CA CYS D 31 -13.67 10.35 21.39
C CYS D 31 -13.78 9.69 20.03
N ILE D 32 -14.72 8.78 19.90
CA ILE D 32 -14.99 8.07 18.66
C ILE D 32 -16.48 8.17 18.35
N LYS D 33 -16.80 8.38 17.07
CA LYS D 33 -18.16 8.37 16.58
C LYS D 33 -18.33 7.16 15.67
N THR D 34 -19.07 6.16 16.14
CA THR D 34 -19.25 4.92 15.41
C THR D 34 -20.66 4.86 14.82
N VAL D 35 -20.74 4.49 13.54
CA VAL D 35 -22.00 4.36 12.83
C VAL D 35 -22.14 2.91 12.39
N LYS D 36 -23.37 2.45 12.22
CA LYS D 36 -23.62 1.10 11.74
C LYS D 36 -23.14 0.94 10.30
N LYS D 37 -22.45 -0.18 10.03
CA LYS D 37 -21.97 -0.42 8.67
C LYS D 37 -23.12 -0.56 7.69
N SER D 38 -24.18 -1.25 8.09
CA SER D 38 -25.34 -1.41 7.22
C SER D 38 -26.07 -0.09 6.98
N GLY D 39 -25.92 0.87 7.88
CA GLY D 39 -26.55 2.17 7.74
C GLY D 39 -27.88 2.23 8.47
N GLU D 40 -28.53 3.39 8.34
CA GLU D 40 -29.83 3.66 8.96
C GLU D 40 -29.70 3.48 10.48
N GLY D 41 -28.93 4.35 11.11
CA GLY D 41 -28.78 4.30 12.55
C GLY D 41 -28.15 5.58 13.06
N THR D 42 -28.47 5.87 14.32
CA THR D 42 -27.91 7.05 14.98
C THR D 42 -26.49 6.78 15.42
N PRO D 43 -25.52 7.61 15.01
CA PRO D 43 -24.14 7.38 15.45
C PRO D 43 -24.01 7.48 16.95
N ILE D 44 -23.17 6.61 17.52
CA ILE D 44 -22.93 6.56 18.95
C ILE D 44 -21.55 7.19 19.20
N ILE D 45 -21.49 8.09 20.16
CA ILE D 45 -20.27 8.83 20.48
C ILE D 45 -19.78 8.37 21.85
N ALA D 46 -18.53 7.91 21.91
CA ALA D 46 -17.93 7.43 23.15
C ALA D 46 -16.63 8.17 23.42
N CYS D 47 -16.43 8.58 24.66
CA CYS D 47 -15.27 9.36 25.05
C CYS D 47 -14.57 8.73 26.24
N ALA D 48 -13.27 8.98 26.34
CA ALA D 48 -12.46 8.48 27.44
C ALA D 48 -11.44 9.53 27.83
N LEU D 49 -11.21 9.65 29.15
CA LEU D 49 -10.32 10.64 29.73
C LEU D 49 -9.21 9.93 30.50
N SER D 50 -8.02 10.52 30.50
CA SER D 50 -6.87 9.88 31.12
C SER D 50 -6.93 9.93 32.63
N HIS D 51 -7.30 11.10 33.17
CA HIS D 51 -7.25 11.30 34.64
C HIS D 51 -8.62 11.46 35.27
N ASP D 52 -9.71 11.31 34.55
CA ASP D 52 -11.03 11.38 35.21
C ASP D 52 -11.80 10.10 34.93
N SER D 53 -12.68 9.67 35.83
CA SER D 53 -13.54 8.48 35.65
C SER D 53 -12.94 7.29 36.38
N LYS D 54 -13.73 6.24 36.54
CA LYS D 54 -13.24 5.02 37.20
C LYS D 54 -12.46 4.27 36.14
N TRP D 55 -12.58 4.69 34.89
CA TRP D 55 -11.94 4.03 33.74
C TRP D 55 -10.64 4.73 33.41
N ILE D 56 -9.81 5.00 34.41
CA ILE D 56 -8.50 5.59 34.19
C ILE D 56 -7.48 4.54 33.71
N PRO D 57 -7.36 3.35 34.36
CA PRO D 57 -6.31 2.40 33.95
C PRO D 57 -6.41 1.96 32.50
N SER D 58 -7.62 1.98 31.93
CA SER D 58 -7.86 1.45 30.60
C SER D 58 -7.90 2.55 29.53
N PHE D 59 -7.40 3.74 29.85
CA PHE D 59 -7.39 4.82 28.87
C PHE D 59 -6.43 4.55 27.71
N ASN D 60 -5.19 4.15 28.01
CA ASN D 60 -4.20 3.91 26.97
C ASN D 60 -4.54 2.74 26.07
N ILE D 61 -4.98 1.62 26.66
CA ILE D 61 -5.31 0.44 25.85
C ILE D 61 -6.51 0.73 24.95
N MET D 62 -7.52 1.43 25.47
CA MET D 62 -8.67 1.80 24.65
C MET D 62 -8.31 2.82 23.58
N LEU D 63 -7.41 3.76 23.87
CA LEU D 63 -6.95 4.68 22.84
C LEU D 63 -6.24 3.92 21.71
N GLU D 64 -5.34 3.01 22.07
CA GLU D 64 -4.61 2.24 21.06
C GLU D 64 -5.56 1.38 20.24
N GLN D 65 -6.50 0.70 20.90
CA GLN D 65 -7.44 -0.16 20.20
C GLN D 65 -8.45 0.62 19.36
N ALA D 66 -8.86 1.80 19.80
CA ALA D 66 -9.72 2.65 18.99
C ALA D 66 -9.00 3.22 17.77
N ARG D 67 -7.72 3.54 17.89
CA ARG D 67 -6.93 3.84 16.71
C ARG D 67 -6.79 2.66 15.76
N ASN D 68 -6.54 1.46 16.29
CA ASN D 68 -6.43 0.26 15.48
C ASN D 68 -7.73 -0.11 14.77
N PHE D 69 -8.87 -0.02 15.46
CA PHE D 69 -10.16 -0.32 14.87
C PHE D 69 -10.71 0.83 14.03
N TYR D 70 -10.03 1.97 14.01
CA TYR D 70 -10.34 3.05 13.09
C TYR D 70 -9.48 3.03 11.85
N ILE D 71 -8.24 2.55 11.96
CA ILE D 71 -7.36 2.33 10.81
C ILE D 71 -7.98 1.29 9.91
N THR D 72 -8.36 0.15 10.48
CA THR D 72 -9.05 -0.90 9.75
C THR D 72 -10.54 -0.55 9.91
N GLY D 73 -11.33 -0.88 8.92
CA GLY D 73 -12.76 -0.56 8.95
C GLY D 73 -13.52 -1.75 9.49
N HIS D 74 -12.85 -2.60 10.26
CA HIS D 74 -13.47 -3.79 10.83
C HIS D 74 -14.66 -3.41 11.71
N SER D 75 -15.74 -4.17 11.57
CA SER D 75 -16.90 -3.98 12.42
C SER D 75 -16.56 -4.30 13.86
N ILE D 76 -16.95 -3.40 14.76
CA ILE D 76 -16.63 -3.58 16.18
C ILE D 76 -17.90 -3.46 17.02
N ARG D 77 -17.77 -3.80 18.30
CA ARG D 77 -18.86 -3.68 19.28
C ARG D 77 -18.37 -2.73 20.36
N VAL D 78 -18.99 -1.56 20.43
CA VAL D 78 -18.56 -0.51 21.36
C VAL D 78 -19.36 -0.63 22.65
N TYR D 79 -18.65 -0.73 23.77
CA TYR D 79 -19.28 -0.73 25.09
C TYR D 79 -19.20 0.66 25.68
N VAL D 80 -20.32 1.18 26.18
CA VAL D 80 -20.37 2.52 26.74
C VAL D 80 -21.18 2.48 28.04
N GLN D 81 -20.75 3.30 29.00
CA GLN D 81 -21.53 3.56 30.20
C GLN D 81 -22.05 4.99 30.14
N PRO D 82 -23.35 5.20 30.06
CA PRO D 82 -23.87 6.58 29.97
C PRO D 82 -23.70 7.34 31.27
N ASN D 83 -23.67 8.66 31.14
CA ASN D 83 -23.64 9.59 32.27
C ASN D 83 -22.41 9.35 33.15
N VAL D 84 -21.25 9.57 32.54
CA VAL D 84 -19.98 9.47 33.24
C VAL D 84 -19.33 10.85 33.29
N TRP D 85 -19.59 11.67 32.28
CA TRP D 85 -19.08 13.03 32.21
C TRP D 85 -20.16 14.02 32.64
N SER D 86 -19.74 15.04 33.39
CA SER D 86 -20.68 15.98 33.99
C SER D 86 -20.61 17.40 33.42
N ASN D 87 -19.53 17.79 32.75
CA ASN D 87 -19.41 19.13 32.21
C ASN D 87 -20.37 19.32 31.04
N LYS D 88 -21.48 20.03 31.26
CA LYS D 88 -22.55 20.13 30.28
C LYS D 88 -22.07 20.60 28.92
N SER D 89 -21.04 21.45 28.87
CA SER D 89 -20.48 21.85 27.59
C SER D 89 -19.85 20.66 26.87
N PHE D 90 -19.28 19.71 27.63
CA PHE D 90 -18.67 18.54 27.01
C PHE D 90 -19.74 17.59 26.47
N ILE D 91 -20.81 17.35 27.24
CA ILE D 91 -21.92 16.52 26.78
C ILE D 91 -22.63 17.13 25.58
N GLU D 92 -22.88 18.44 25.61
CA GLU D 92 -23.47 19.14 24.48
C GLU D 92 -22.65 19.00 23.22
N ALA D 93 -21.32 19.07 23.32
CA ALA D 93 -20.45 19.00 22.15
C ALA D 93 -20.24 17.59 21.64
N LEU D 94 -19.81 16.64 22.48
CA LEU D 94 -19.42 15.33 21.98
C LEU D 94 -20.38 14.28 22.48
N SER D 95 -20.49 14.06 23.79
CA SER D 95 -21.29 12.98 24.32
C SER D 95 -21.24 12.97 25.84
N SER D 96 -22.04 12.10 26.44
CA SER D 96 -21.98 11.81 27.87
C SER D 96 -21.52 10.38 28.13
N ASN D 97 -21.27 9.60 27.09
CA ASN D 97 -20.89 8.20 27.22
C ASN D 97 -19.41 8.07 27.56
N ALA D 98 -19.03 6.86 27.98
CA ALA D 98 -17.64 6.57 28.35
C ALA D 98 -17.22 5.28 27.64
N LEU D 99 -16.20 5.39 26.79
CA LEU D 99 -15.62 4.22 26.14
C LEU D 99 -14.98 3.31 27.17
N VAL D 100 -15.48 2.08 27.26
CA VAL D 100 -15.04 1.16 28.30
C VAL D 100 -14.73 -0.21 27.71
N GLY D 101 -14.86 -0.35 26.39
CA GLY D 101 -14.59 -1.63 25.76
C GLY D 101 -14.80 -1.68 24.27
N LEU D 102 -13.87 -2.33 23.57
CA LEU D 102 -13.94 -2.52 22.13
C LEU D 102 -13.74 -3.99 21.81
N SER D 103 -14.54 -4.50 20.89
CA SER D 103 -14.53 -5.92 20.54
C SER D 103 -14.68 -6.07 19.04
N SER D 104 -14.15 -7.15 18.51
CA SER D 104 -14.18 -7.38 17.05
C SER D 104 -15.44 -8.16 16.76
N CYS D 105 -16.08 -7.87 15.64
CA CYS D 105 -17.38 -8.48 15.34
C CYS D 105 -17.29 -9.27 14.05
N SER D 106 -17.17 -10.58 14.15
CA SER D 106 -17.24 -11.41 12.92
C SER D 106 -18.71 -11.58 12.61
N THR D 107 -19.03 -11.91 11.37
CA THR D 107 -20.46 -11.98 11.00
C THR D 107 -21.13 -12.79 12.09
N SER D 108 -22.34 -12.40 12.47
CA SER D 108 -23.03 -13.09 13.58
C SER D 108 -22.42 -12.68 14.92
N GLU D 109 -21.79 -13.63 15.61
CA GLU D 109 -21.34 -13.33 17.00
C GLU D 109 -20.16 -12.37 17.04
N CYS D 110 -20.20 -11.48 18.02
CA CYS D 110 -19.07 -10.55 18.27
C CYS D 110 -18.33 -11.16 19.43
N PHE D 111 -17.18 -10.64 19.78
CA PHE D 111 -16.39 -11.26 20.85
C PHE D 111 -16.56 -10.38 22.05
N GLY D 112 -17.30 -10.82 23.05
CA GLY D 112 -17.32 -9.97 24.22
C GLY D 112 -18.38 -10.38 25.22
N PRO D 113 -18.46 -9.65 26.34
CA PRO D 113 -19.46 -9.95 27.38
C PRO D 113 -20.89 -9.61 26.97
N VAL D 114 -21.49 -10.51 26.19
CA VAL D 114 -22.85 -10.31 25.74
C VAL D 114 -23.83 -10.55 26.89
N LYS D 115 -24.88 -9.75 26.92
CA LYS D 115 -25.90 -9.87 27.96
C LYS D 115 -27.31 -9.74 27.36
N GLU E 1 -9.52 26.24 29.03
CA GLU E 1 -9.44 25.04 29.86
C GLU E 1 -10.17 23.87 29.21
N TRP E 2 -10.17 23.84 27.87
CA TRP E 2 -10.74 22.76 27.10
C TRP E 2 -10.42 22.96 25.62
N THR E 3 -10.40 21.88 24.84
CA THR E 3 -10.15 21.97 23.41
C THR E 3 -11.24 22.77 22.71
N GLY E 4 -12.48 22.66 23.18
CA GLY E 4 -13.60 23.35 22.59
C GLY E 4 -13.93 24.70 23.17
N ASP E 5 -13.01 25.34 23.88
CA ASP E 5 -13.26 26.64 24.48
C ASP E 5 -13.36 27.74 23.41
N SER E 6 -13.87 28.90 23.80
CA SER E 6 -14.00 30.02 22.87
C SER E 6 -12.66 30.60 22.47
N SER E 7 -11.65 30.54 23.35
CA SER E 7 -10.33 31.06 23.01
C SER E 7 -9.66 30.22 21.93
N ILE E 8 -9.90 28.91 21.95
CA ILE E 8 -9.29 28.02 20.99
C ILE E 8 -9.98 28.16 19.64
N ASN E 9 -9.20 28.39 18.59
CA ASN E 9 -9.70 28.42 17.23
C ASN E 9 -9.50 27.06 16.57
N TYR E 10 -10.21 26.81 15.48
CA TYR E 10 -10.09 25.55 14.78
C TYR E 10 -10.19 25.77 13.28
N TYR E 11 -9.48 24.95 12.52
CA TYR E 11 -9.56 24.93 11.07
C TYR E 11 -10.04 23.56 10.60
N SER E 12 -10.90 23.57 9.58
CA SER E 12 -11.57 22.35 9.12
C SER E 12 -11.11 21.99 7.72
N ASP E 13 -11.33 20.72 7.37
CA ASP E 13 -11.00 20.18 6.05
C ASP E 13 -9.53 20.41 5.70
N GLU E 14 -8.65 20.10 6.66
CA GLU E 14 -7.23 20.36 6.53
C GLU E 14 -6.45 19.05 6.60
N VAL E 15 -5.32 19.01 5.92
CA VAL E 15 -4.44 17.84 5.91
C VAL E 15 -3.06 18.24 6.41
N ILE E 16 -2.47 17.39 7.24
CA ILE E 16 -1.13 17.64 7.78
C ILE E 16 -0.14 17.38 6.64
N SER E 17 0.49 18.45 6.15
CA SER E 17 1.43 18.34 5.04
C SER E 17 2.86 18.16 5.47
N ASP E 18 3.32 18.88 6.51
CA ASP E 18 4.71 18.81 6.92
C ASP E 18 4.79 18.51 8.41
N PHE E 19 5.82 17.76 8.80
CA PHE E 19 6.04 17.35 10.17
C PHE E 19 7.44 17.76 10.62
N HIS E 20 7.60 17.94 11.92
CA HIS E 20 8.90 18.27 12.49
C HIS E 20 8.92 17.85 13.95
N VAL E 21 10.03 17.31 14.47
CA VAL E 21 10.19 16.96 15.91
C VAL E 21 11.46 17.63 16.38
N GLY E 22 11.76 17.69 17.67
CA GLY E 22 12.95 18.41 18.11
C GLY E 22 13.03 18.52 19.61
N GLN E 23 13.87 19.40 20.15
CA GLN E 23 13.95 19.64 21.61
C GLN E 23 14.09 21.13 21.85
N PHE E 24 13.32 21.69 22.79
CA PHE E 24 13.42 23.12 23.13
C PHE E 24 13.48 23.22 24.64
N ASN E 25 14.67 23.30 25.18
CA ASN E 25 14.79 23.51 26.64
C ASN E 25 14.21 22.40 27.49
N ARG E 26 14.77 21.21 27.42
CA ARG E 26 14.32 20.16 28.35
C ARG E 26 12.97 19.63 27.85
N SER E 27 12.63 19.86 26.60
CA SER E 27 11.29 19.42 26.14
C SER E 27 11.40 18.81 24.78
N ALA E 28 10.31 18.20 24.31
CA ALA E 28 10.35 17.50 23.03
C ALA E 28 9.25 18.05 22.16
N TYR E 29 9.46 19.21 21.63
CA TYR E 29 8.47 19.85 20.78
C TYR E 29 8.19 19.03 19.54
N PHE E 30 6.98 19.10 19.05
CA PHE E 30 6.64 18.60 17.72
C PHE E 30 5.74 19.59 17.00
N CYS E 31 6.07 19.89 15.74
CA CYS E 31 5.32 20.87 14.97
C CYS E 31 4.73 20.23 13.72
N ILE E 32 3.54 20.69 13.35
CA ILE E 32 2.84 20.25 12.15
C ILE E 32 2.44 21.47 11.34
N LYS E 33 2.65 21.40 10.03
CA LYS E 33 2.19 22.41 9.09
C LYS E 33 1.11 21.80 8.22
N THR E 34 -0.11 22.32 8.33
CA THR E 34 -1.26 21.79 7.61
C THR E 34 -1.80 22.83 6.64
N VAL E 35 -2.34 22.35 5.52
CA VAL E 35 -2.87 23.19 4.47
C VAL E 35 -4.23 22.62 4.07
N LYS E 36 -5.07 23.44 3.44
CA LYS E 36 -6.39 23.00 2.99
C LYS E 36 -6.25 21.81 2.04
N LYS E 37 -7.27 20.95 2.03
CA LYS E 37 -7.16 19.67 1.32
C LYS E 37 -6.93 19.89 -0.18
N SER E 38 -7.91 20.47 -0.87
CA SER E 38 -7.72 20.79 -2.28
C SER E 38 -6.63 21.85 -2.42
N GLY E 39 -6.90 23.05 -1.91
CA GLY E 39 -5.87 24.04 -1.67
C GLY E 39 -6.42 25.46 -1.60
N GLU E 40 -6.00 26.19 -0.57
CA GLU E 40 -6.34 27.60 -0.39
C GLU E 40 -5.67 28.14 0.87
N GLY E 41 -5.61 29.46 1.00
CA GLY E 41 -5.15 30.09 2.23
C GLY E 41 -3.70 29.83 2.60
N THR E 42 -3.23 30.52 3.63
CA THR E 42 -1.90 30.31 4.14
C THR E 42 -1.83 29.03 4.96
N PRO E 43 -0.71 28.30 4.88
CA PRO E 43 -0.53 27.12 5.73
C PRO E 43 -0.52 27.51 7.21
N ILE E 44 -1.05 26.64 8.04
CA ILE E 44 -1.17 26.90 9.48
C ILE E 44 -0.25 25.94 10.21
N ILE E 45 0.53 26.49 11.15
CA ILE E 45 1.58 25.75 11.85
C ILE E 45 1.21 25.68 13.32
N ALA E 46 1.26 24.47 13.89
CA ALA E 46 0.91 24.25 15.29
C ALA E 46 1.97 23.39 15.96
N CYS E 47 2.34 23.78 17.17
CA CYS E 47 3.37 23.08 17.93
C CYS E 47 2.82 22.65 19.29
N ALA E 48 3.56 21.77 19.95
CA ALA E 48 3.19 21.29 21.28
C ALA E 48 4.45 20.89 22.02
N LEU E 49 4.70 21.53 23.16
CA LEU E 49 5.90 21.27 23.95
C LEU E 49 5.61 20.22 25.00
N SER E 50 6.62 19.38 25.29
CA SER E 50 6.44 18.27 26.20
C SER E 50 6.33 18.71 27.66
N HIS E 51 7.17 19.66 28.04
CA HIS E 51 7.21 20.10 29.45
C HIS E 51 7.05 21.61 29.51
N ASP E 52 6.19 22.18 28.69
CA ASP E 52 5.92 23.62 28.78
C ASP E 52 4.51 23.91 28.33
N SER E 53 3.71 24.57 29.15
CA SER E 53 2.33 25.00 28.80
C SER E 53 1.30 24.20 29.57
N LYS E 54 0.08 24.71 29.64
CA LYS E 54 -1.01 24.01 30.32
C LYS E 54 -1.23 22.72 29.58
N TRP E 55 -0.93 22.70 28.28
CA TRP E 55 -1.18 21.51 27.43
C TRP E 55 -0.02 20.53 27.55
N ILE E 56 0.41 20.23 28.77
CA ILE E 56 1.48 19.25 29.00
C ILE E 56 0.91 17.83 28.99
N PRO E 57 -0.19 17.54 29.71
CA PRO E 57 -0.65 16.14 29.75
C PRO E 57 -1.06 15.56 28.41
N SER E 58 -1.37 16.40 27.43
CA SER E 58 -1.88 15.93 26.14
C SER E 58 -0.82 16.04 25.04
N PHE E 59 0.46 15.90 25.40
CA PHE E 59 1.51 15.93 24.40
C PHE E 59 1.63 14.61 23.66
N ASN E 60 1.71 13.49 24.39
CA ASN E 60 1.93 12.20 23.75
C ASN E 60 0.76 11.82 22.86
N ILE E 61 -0.47 12.03 23.34
CA ILE E 61 -1.65 11.64 22.58
C ILE E 61 -1.76 12.46 21.29
N MET E 62 -1.53 13.76 21.38
CA MET E 62 -1.54 14.61 20.19
C MET E 62 -0.39 14.28 19.24
N LEU E 63 0.77 13.92 19.75
CA LEU E 63 1.87 13.49 18.88
C LEU E 63 1.48 12.25 18.11
N GLU E 64 0.92 11.24 18.80
CA GLU E 64 0.52 10.02 18.13
C GLU E 64 -0.58 10.27 17.11
N GLN E 65 -1.58 11.09 17.46
CA GLN E 65 -2.66 11.37 16.54
C GLN E 65 -2.23 12.21 15.34
N ALA E 66 -1.35 13.19 15.54
CA ALA E 66 -0.77 13.94 14.44
C ALA E 66 0.05 13.07 13.51
N ARG E 67 0.86 12.16 14.03
CA ARG E 67 1.55 11.20 13.18
C ARG E 67 0.60 10.29 12.44
N ASN E 68 -0.47 9.82 13.09
CA ASN E 68 -1.47 9.00 12.43
C ASN E 68 -2.19 9.75 11.30
N PHE E 69 -2.53 11.01 11.51
CA PHE E 69 -3.21 11.81 10.50
C PHE E 69 -2.26 12.35 9.44
N TYR E 70 -0.95 12.32 9.70
CA TYR E 70 0.06 12.70 8.74
C TYR E 70 0.46 11.57 7.82
N ILE E 71 0.61 10.35 8.36
CA ILE E 71 0.92 9.20 7.52
C ILE E 71 -0.27 8.85 6.62
N THR E 72 -1.48 8.89 7.17
CA THR E 72 -2.68 8.58 6.42
C THR E 72 -3.06 9.65 5.40
N GLY E 73 -2.74 10.91 5.67
CA GLY E 73 -3.22 11.98 4.80
C GLY E 73 -4.68 12.30 4.96
N HIS E 74 -5.25 12.03 6.14
CA HIS E 74 -6.66 12.28 6.38
C HIS E 74 -6.94 13.78 6.44
N SER E 75 -8.12 14.15 5.94
CA SER E 75 -8.60 15.53 6.02
C SER E 75 -9.16 15.74 7.42
N ILE E 76 -8.50 16.59 8.21
CA ILE E 76 -8.79 16.70 9.63
C ILE E 76 -9.07 18.15 10.02
N ARG E 77 -9.47 18.36 11.27
CA ARG E 77 -9.67 19.69 11.83
C ARG E 77 -8.66 19.89 12.94
N VAL E 78 -7.88 20.98 12.85
CA VAL E 78 -6.81 21.26 13.78
C VAL E 78 -7.27 22.37 14.73
N TYR E 79 -7.15 22.13 16.03
CA TYR E 79 -7.45 23.12 17.05
C TYR E 79 -6.14 23.77 17.51
N VAL E 80 -6.15 25.09 17.60
CA VAL E 80 -4.96 25.85 17.97
C VAL E 80 -5.36 26.94 18.97
N GLN E 81 -4.51 27.16 19.96
CA GLN E 81 -4.65 28.32 20.83
C GLN E 81 -3.58 29.34 20.46
N PRO E 82 -3.94 30.48 19.88
CA PRO E 82 -2.92 31.43 19.44
C PRO E 82 -2.19 32.09 20.60
N ASN E 83 -0.96 32.48 20.32
CA ASN E 83 -0.09 33.21 21.26
C ASN E 83 0.07 32.43 22.57
N VAL E 84 0.70 31.25 22.45
CA VAL E 84 0.99 30.43 23.61
C VAL E 84 2.47 30.37 23.94
N TRP E 85 3.36 30.20 22.95
CA TRP E 85 4.79 30.10 23.18
C TRP E 85 5.38 31.50 23.17
N SER E 86 6.29 31.77 24.12
CA SER E 86 6.90 33.09 24.27
C SER E 86 8.43 32.93 24.29
N ASN E 87 9.02 32.89 23.11
CA ASN E 87 10.46 32.96 22.93
C ASN E 87 10.85 33.85 21.75
N LYS E 88 9.92 34.06 20.81
CA LYS E 88 9.98 34.96 19.66
C LYS E 88 10.88 34.41 18.56
N SER E 89 11.77 33.48 18.91
CA SER E 89 12.56 32.80 17.89
C SER E 89 11.85 31.54 17.44
N PHE E 90 11.19 30.87 18.39
CA PHE E 90 10.22 29.85 18.05
C PHE E 90 9.12 30.45 17.18
N ILE E 91 8.76 31.71 17.45
CA ILE E 91 7.66 32.38 16.75
C ILE E 91 8.04 32.73 15.31
N GLU E 92 9.22 33.33 15.09
CA GLU E 92 9.65 33.43 13.69
C GLU E 92 9.91 32.09 13.04
N ALA E 93 10.40 31.10 13.80
CA ALA E 93 10.79 29.84 13.18
C ALA E 93 9.57 29.03 12.74
N LEU E 94 8.78 28.53 13.70
CA LEU E 94 7.67 27.66 13.36
C LEU E 94 6.37 28.43 13.49
N SER E 95 5.98 28.89 14.68
CA SER E 95 4.67 29.49 14.91
C SER E 95 4.60 29.92 16.38
N SER E 96 3.49 30.56 16.74
CA SER E 96 3.17 30.87 18.12
C SER E 96 2.00 30.05 18.65
N ASN E 97 1.31 29.30 17.80
CA ASN E 97 0.13 28.55 18.21
C ASN E 97 0.52 27.27 18.94
N ALA E 98 -0.46 26.68 19.60
CA ALA E 98 -0.28 25.43 20.35
C ALA E 98 -1.34 24.44 19.91
N LEU E 99 -0.91 23.25 19.48
CA LEU E 99 -1.85 22.20 19.12
C LEU E 99 -2.61 21.72 20.35
N VAL E 100 -3.94 21.83 20.29
CA VAL E 100 -4.78 21.46 21.42
C VAL E 100 -5.79 20.38 21.07
N GLY E 101 -6.00 20.06 19.80
CA GLY E 101 -6.99 19.06 19.45
C GLY E 101 -6.87 18.68 18.00
N LEU E 102 -7.10 17.39 17.75
CA LEU E 102 -7.10 16.84 16.40
C LEU E 102 -8.34 15.98 16.23
N SER E 103 -9.11 16.25 15.18
CA SER E 103 -10.34 15.51 14.91
C SER E 103 -10.37 15.11 13.44
N SER E 104 -10.75 13.86 13.20
CA SER E 104 -10.91 13.36 11.84
C SER E 104 -12.15 13.98 11.21
N CYS E 105 -11.99 14.58 10.04
CA CYS E 105 -13.10 15.28 9.40
C CYS E 105 -13.54 14.58 8.12
N SER E 106 -14.73 14.94 7.66
CA SER E 106 -15.42 14.24 6.58
C SER E 106 -15.81 15.21 5.47
N THR E 107 -16.67 14.74 4.55
CA THR E 107 -17.00 15.50 3.35
C THR E 107 -17.53 16.89 3.66
N SER E 108 -18.70 16.96 4.31
CA SER E 108 -19.32 18.25 4.60
C SER E 108 -19.36 18.56 6.09
N GLU E 109 -19.98 17.70 6.89
CA GLU E 109 -19.94 17.82 8.33
C GLU E 109 -18.87 16.87 8.89
N CYS E 110 -18.38 17.19 10.08
CA CYS E 110 -17.34 16.36 10.68
C CYS E 110 -17.26 16.55 12.18
N PHE E 111 -16.53 15.64 12.82
CA PHE E 111 -16.57 15.46 14.27
C PHE E 111 -15.75 16.53 14.98
N GLY E 112 -16.11 16.79 16.24
CA GLY E 112 -15.37 17.71 17.07
C GLY E 112 -16.23 18.84 17.59
N PRO E 113 -15.80 19.48 18.68
CA PRO E 113 -16.50 20.66 19.16
C PRO E 113 -16.53 21.77 18.11
N VAL E 114 -17.63 22.50 18.05
CA VAL E 114 -17.84 23.53 17.05
C VAL E 114 -18.34 24.79 17.72
N LYS E 115 -17.87 25.94 17.24
CA LYS E 115 -18.33 27.21 17.77
C LYS E 115 -19.76 27.47 17.32
N PRO E 116 -20.57 28.16 18.14
CA PRO E 116 -21.94 28.54 17.78
C PRO E 116 -21.97 29.58 16.66
N GLU F 22 19.52 23.16 24.63
CA GLU F 22 18.74 24.37 24.36
C GLU F 22 17.71 24.12 23.27
N TRP F 23 17.91 24.66 22.08
CA TRP F 23 16.90 24.50 21.01
C TRP F 23 17.47 23.83 19.77
N THR F 24 16.67 23.02 19.08
CA THR F 24 17.10 22.29 17.88
C THR F 24 17.46 23.28 16.80
N GLY F 25 16.73 24.38 16.67
CA GLY F 25 16.99 25.28 15.54
C GLY F 25 17.86 26.45 15.91
N ASP F 26 18.88 26.22 16.75
CA ASP F 26 19.78 27.30 17.20
C ASP F 26 20.35 27.91 15.92
N TYR F 27 20.85 27.11 15.00
CA TYR F 27 21.42 27.58 13.71
C TYR F 27 22.80 28.15 14.08
N GLU F 28 23.09 28.16 15.37
CA GLU F 28 24.38 28.69 15.84
C GLU F 28 25.16 27.47 16.32
N ASN F 29 24.49 26.57 17.02
CA ASN F 29 25.16 25.32 17.45
C ASN F 29 24.62 24.12 16.66
N ILE F 30 23.37 24.16 16.22
CA ILE F 30 22.75 22.98 15.58
C ILE F 30 22.78 23.13 14.06
N GLY F 31 23.43 22.19 13.38
CA GLY F 31 23.52 22.22 11.91
C GLY F 31 22.46 21.37 11.31
N TYR F 32 22.18 21.52 10.05
CA TYR F 32 21.03 20.80 9.48
C TYR F 32 21.30 20.46 8.04
N PHE F 33 21.26 19.19 7.69
CA PHE F 33 21.34 18.80 6.28
C PHE F 33 19.96 18.46 5.76
N SER F 34 19.59 19.08 4.65
CA SER F 34 18.25 19.00 4.10
C SER F 34 18.20 17.97 2.97
N HIS F 35 16.98 17.49 2.68
CA HIS F 35 16.72 16.54 1.61
C HIS F 35 17.59 15.29 1.75
N GLU F 36 17.63 14.72 2.94
CA GLU F 36 18.35 13.48 3.20
C GLU F 36 17.38 12.30 3.20
N VAL F 37 17.94 11.11 3.18
CA VAL F 37 17.19 9.87 3.38
C VAL F 37 17.95 9.01 4.38
N ILE F 38 17.22 8.45 5.34
CA ILE F 38 17.83 7.57 6.33
C ILE F 38 17.94 6.17 5.74
N SER F 39 19.16 5.79 5.35
CA SER F 39 19.39 4.51 4.70
C SER F 39 19.84 3.40 5.64
N GLU F 40 20.46 3.74 6.77
CA GLU F 40 20.91 2.74 7.72
C GLU F 40 20.48 3.13 9.14
N PHE F 41 20.00 2.13 9.87
CA PHE F 41 19.53 2.31 11.25
C PHE F 41 20.26 1.35 12.16
N HIS F 42 20.62 1.82 13.35
CA HIS F 42 21.28 0.99 14.34
C HIS F 42 20.73 1.31 15.72
N VAL F 43 20.54 0.29 16.54
CA VAL F 43 20.10 0.46 17.92
C VAL F 43 21.02 -0.34 18.83
N GLY F 44 21.09 0.09 20.09
CA GLY F 44 21.91 -0.61 21.06
C GLY F 44 21.89 0.10 22.39
N GLN F 45 22.81 -0.32 23.27
CA GLN F 45 22.94 0.26 24.60
C GLN F 45 24.39 0.67 24.83
N ILE F 46 24.59 1.85 25.41
CA ILE F 46 25.90 2.29 25.86
C ILE F 46 25.80 2.91 27.25
N ASP F 47 26.61 2.40 28.18
CA ASP F 47 26.69 2.94 29.54
C ASP F 47 25.33 3.02 30.23
N GLY F 48 24.60 1.90 30.27
CA GLY F 48 23.32 1.86 30.95
C GLY F 48 22.26 2.75 30.36
N GLY F 49 22.22 2.85 29.03
CA GLY F 49 21.22 3.67 28.38
C GLY F 49 20.53 2.98 27.22
N ALA F 50 20.23 3.74 26.17
CA ALA F 50 19.66 3.19 24.95
C ALA F 50 19.92 4.13 23.79
N TYR F 51 20.96 3.85 23.00
CA TYR F 51 21.29 4.74 21.92
C TYR F 51 20.80 4.18 20.59
N PHE F 52 20.54 5.09 19.65
CA PHE F 52 20.16 4.73 18.29
C PHE F 52 20.84 5.70 17.35
N CYS F 53 21.36 5.18 16.25
CA CYS F 53 22.11 5.95 15.27
C CYS F 53 21.48 5.78 13.88
N ILE F 54 21.55 6.86 13.10
CA ILE F 54 21.04 6.88 11.74
C ILE F 54 22.17 7.31 10.81
N LYS F 55 22.22 6.70 9.63
CA LYS F 55 23.18 7.05 8.59
C LYS F 55 22.43 7.75 7.48
N ALA F 56 22.63 9.05 7.36
CA ALA F 56 21.90 9.86 6.39
C ALA F 56 22.76 10.10 5.15
N VAL F 57 22.23 9.73 3.99
CA VAL F 57 22.90 9.92 2.71
C VAL F 57 22.03 10.81 1.84
N LYS F 58 22.66 11.56 0.96
CA LYS F 58 21.91 12.39 0.02
C LYS F 58 21.03 11.51 -0.87
N ALA F 59 19.83 11.99 -1.15
CA ALA F 59 18.86 11.19 -1.90
C ALA F 59 19.40 10.84 -3.28
N ASP F 60 19.87 11.83 -4.03
CA ASP F 60 20.39 11.57 -5.36
C ASP F 60 21.90 11.35 -5.36
N GLY F 61 22.38 10.47 -4.48
CA GLY F 61 23.78 10.04 -4.43
C GLY F 61 24.88 11.08 -4.58
N SER F 62 24.65 12.30 -4.11
CA SER F 62 25.53 13.42 -4.40
C SER F 62 26.74 13.64 -3.49
N ARG F 63 26.52 13.75 -2.17
CA ARG F 63 27.62 14.09 -1.28
C ARG F 63 28.62 12.94 -1.16
N SER F 64 28.13 11.70 -1.25
CA SER F 64 28.92 10.46 -1.17
C SER F 64 29.57 10.25 0.18
N THR F 65 29.20 11.01 1.21
CA THR F 65 29.68 10.72 2.55
C THR F 65 28.50 10.70 3.53
N PRO F 66 28.52 9.78 4.49
CA PRO F 66 27.37 9.65 5.40
C PRO F 66 27.19 10.85 6.31
N LEU F 67 26.11 10.80 7.08
CA LEU F 67 25.81 11.81 8.09
C LEU F 67 25.44 11.11 9.39
N ILE F 68 26.30 10.20 9.85
CA ILE F 68 26.05 9.41 11.05
C ILE F 68 25.68 10.30 12.22
N ALA F 69 24.48 10.13 12.75
CA ALA F 69 24.00 10.92 13.87
C ALA F 69 23.32 10.00 14.87
N CYS F 70 23.69 10.12 16.14
CA CYS F 70 23.22 9.22 17.19
C CYS F 70 22.42 10.00 18.23
N SER F 71 21.77 9.25 19.11
CA SER F 71 21.01 9.84 20.21
C SER F 71 20.98 8.84 21.36
N VAL F 72 21.65 9.18 22.46
CA VAL F 72 21.70 8.34 23.65
C VAL F 72 20.61 8.78 24.62
N SER F 73 19.92 7.81 25.20
CA SER F 73 18.73 8.10 26.00
C SER F 73 19.08 8.75 27.34
N ASN F 74 20.11 8.25 28.03
CA ASN F 74 20.37 8.63 29.41
C ASN F 74 21.58 9.54 29.57
N GLU F 75 22.01 10.21 28.50
CA GLU F 75 23.16 11.11 28.61
C GLU F 75 23.01 12.22 27.59
N SER F 76 23.34 13.45 28.01
CA SER F 76 23.50 14.67 27.22
C SER F 76 22.30 15.59 27.47
N VAL F 77 22.39 16.84 27.00
CA VAL F 77 21.24 17.74 27.09
C VAL F 77 20.18 17.42 26.06
N TRP F 78 20.52 16.60 25.05
CA TRP F 78 19.58 16.19 24.02
C TRP F 78 18.88 14.88 24.36
N ALA F 79 18.87 14.49 25.62
CA ALA F 79 18.25 13.26 26.12
C ALA F 79 16.74 13.35 26.24
N PRO F 80 16.14 14.46 26.75
CA PRO F 80 14.68 14.49 26.94
C PRO F 80 13.88 14.33 25.64
N SER F 81 14.55 14.44 24.49
CA SER F 81 13.87 14.28 23.21
C SER F 81 14.34 13.01 22.51
N PHE F 82 14.73 11.99 23.26
CA PHE F 82 15.20 10.75 22.65
C PHE F 82 14.04 9.98 22.02
N LYS F 83 13.06 9.60 22.84
CA LYS F 83 11.95 8.77 22.34
C LYS F 83 11.22 9.45 21.20
N VAL F 84 10.92 10.75 21.34
CA VAL F 84 10.25 11.49 20.28
C VAL F 84 11.09 11.49 19.00
N LEU F 85 12.41 11.50 19.12
CA LEU F 85 13.27 11.42 17.94
C LEU F 85 13.43 10.01 17.41
N LEU F 86 13.13 8.99 18.23
CA LEU F 86 13.21 7.61 17.76
C LEU F 86 12.01 7.28 16.87
N GLU F 87 10.80 7.46 17.42
CA GLU F 87 9.58 7.11 16.70
C GLU F 87 9.50 7.78 15.33
N GLN F 88 10.00 9.01 15.21
CA GLN F 88 10.04 9.68 13.91
C GLN F 88 11.17 9.19 13.01
N ALA F 89 12.35 8.90 13.57
CA ALA F 89 13.41 8.32 12.75
C ALA F 89 12.98 6.97 12.20
N ARG F 90 12.31 6.17 13.03
CA ARG F 90 11.78 4.87 12.64
C ARG F 90 10.72 5.05 11.55
N TYR F 91 10.22 6.27 11.38
CA TYR F 91 9.33 6.58 10.28
C TYR F 91 10.05 7.05 9.03
N PHE F 92 11.18 7.74 9.15
CA PHE F 92 11.92 8.21 8.00
C PHE F 92 12.88 7.17 7.44
N TYR F 93 12.97 6.01 8.08
CA TYR F 93 13.80 4.91 7.60
C TYR F 93 13.02 3.83 6.88
N VAL F 94 11.81 3.50 7.37
CA VAL F 94 11.03 2.45 6.73
C VAL F 94 10.33 2.97 5.48
N THR F 95 10.18 4.29 5.36
CA THR F 95 9.60 4.90 4.18
C THR F 95 10.65 5.61 3.32
N GLU F 96 11.78 6.01 3.89
CA GLU F 96 12.85 6.70 3.18
C GLU F 96 12.34 7.91 2.43
N GLN F 97 11.66 8.81 3.13
CA GLN F 97 11.22 10.08 2.58
C GLN F 97 12.28 11.14 2.83
N SER F 98 12.22 12.22 2.06
CA SER F 98 13.17 13.32 2.24
C SER F 98 13.03 13.91 3.63
N VAL F 99 14.17 14.04 4.32
CA VAL F 99 14.19 14.46 5.72
C VAL F 99 15.34 15.44 5.91
N ARG F 100 15.09 16.48 6.69
CA ARG F 100 16.10 17.46 7.10
C ARG F 100 16.52 17.11 8.52
N ILE F 101 17.78 16.73 8.66
CA ILE F 101 18.29 16.28 9.95
C ILE F 101 19.08 17.40 10.62
N TYR F 102 18.68 17.73 11.85
CA TYR F 102 19.37 18.72 12.69
C TYR F 102 20.25 17.96 13.67
N TYR F 103 21.56 18.20 13.60
CA TYR F 103 22.54 17.52 14.44
C TYR F 103 23.35 18.54 15.23
N ASP F 104 23.85 18.09 16.39
CA ASP F 104 24.74 18.87 17.24
C ASP F 104 26.10 18.20 17.22
N HIS F 105 27.13 18.96 16.85
CA HIS F 105 28.47 18.42 16.71
C HIS F 105 29.19 18.39 18.05
N ASN F 106 30.08 17.41 18.21
CA ASN F 106 30.94 17.26 19.39
C ASN F 106 30.11 17.13 20.67
N VAL F 107 29.35 16.04 20.72
CA VAL F 107 28.50 15.77 21.88
C VAL F 107 28.95 14.49 22.57
N TRP F 108 29.52 13.55 21.81
CA TRP F 108 29.90 12.26 22.34
C TRP F 108 31.40 12.24 22.64
N THR F 109 31.76 11.72 23.81
CA THR F 109 33.15 11.71 24.24
C THR F 109 33.78 10.31 24.18
N ASN F 110 32.96 9.26 24.22
CA ASN F 110 33.46 7.89 24.18
C ASN F 110 34.18 7.63 22.86
N GLN F 111 35.50 7.48 22.93
CA GLN F 111 36.35 7.45 21.74
C GLN F 111 36.01 6.34 20.76
N PRO F 112 35.79 5.09 21.20
CA PRO F 112 35.32 4.08 20.23
C PRO F 112 33.99 4.46 19.58
N PHE F 113 33.08 5.07 20.35
CA PHE F 113 31.82 5.54 19.79
C PHE F 113 32.06 6.67 18.80
N VAL F 114 32.99 7.58 19.12
CA VAL F 114 33.43 8.60 18.18
C VAL F 114 34.05 8.02 16.93
N ASN F 115 34.66 6.84 17.01
CA ASN F 115 35.36 6.25 15.88
C ASN F 115 34.43 5.48 14.94
N THR F 116 33.62 4.57 15.46
CA THR F 116 32.70 3.85 14.58
C THR F 116 31.54 4.75 14.14
N PHE F 117 30.95 5.48 15.08
CA PHE F 117 29.93 6.48 14.77
C PHE F 117 30.56 7.85 14.63
N SER F 118 29.75 8.90 14.61
CA SER F 118 30.26 10.26 14.59
C SER F 118 29.98 10.91 15.94
N THR F 119 30.60 12.06 16.17
CA THR F 119 30.33 12.86 17.36
C THR F 119 28.97 13.52 17.31
N ASN F 120 28.29 13.48 16.17
CA ASN F 120 27.03 14.17 16.00
C ASN F 120 25.95 13.56 16.90
N ALA F 121 25.08 14.42 17.38
CA ALA F 121 23.95 13.99 18.21
C ALA F 121 22.66 14.36 17.47
N LEU F 122 21.79 13.38 17.27
CA LEU F 122 20.53 13.64 16.59
C LEU F 122 19.68 14.57 17.46
N VAL F 123 19.37 15.74 16.91
CA VAL F 123 18.65 16.76 17.65
C VAL F 123 17.26 17.02 17.08
N GLY F 124 17.11 17.02 15.76
CA GLY F 124 15.81 17.30 15.16
C GLY F 124 15.56 16.59 13.85
N LEU F 125 14.30 16.27 13.56
CA LEU F 125 13.93 15.56 12.34
C LEU F 125 12.78 16.32 11.69
N SER F 126 13.03 16.89 10.51
CA SER F 126 12.04 17.67 9.80
C SER F 126 11.65 16.96 8.49
N SER F 127 10.41 17.16 8.07
CA SER F 127 9.88 16.55 6.86
C SER F 127 10.09 17.50 5.69
N CYS F 128 10.69 16.99 4.62
CA CYS F 128 10.96 17.78 3.42
C CYS F 128 9.89 17.46 2.39
N SER F 129 9.16 18.49 1.94
CA SER F 129 8.14 18.31 0.92
C SER F 129 8.75 18.47 -0.47
N ALA F 130 9.76 17.66 -0.77
CA ALA F 130 10.55 17.77 -1.99
C ALA F 130 10.93 19.21 -2.28
N ALA F 131 10.83 19.62 -3.55
CA ALA F 131 11.13 20.98 -3.97
C ALA F 131 12.48 21.45 -3.47
N THR F 132 12.54 22.66 -2.91
CA THR F 132 13.76 23.20 -2.36
C THR F 132 13.52 23.74 -0.94
N ASP F 133 12.31 23.58 -0.41
CA ASP F 133 11.94 24.07 0.90
C ASP F 133 11.71 22.91 1.86
N CYS F 134 11.96 23.15 3.13
CA CYS F 134 11.77 22.14 4.17
C CYS F 134 11.23 22.83 5.41
N PHE F 135 10.12 22.30 5.93
CA PHE F 135 9.53 22.83 7.16
C PHE F 135 10.49 22.72 8.33
N GLY F 136 10.61 23.79 9.10
CA GLY F 136 11.48 23.81 10.25
C GLY F 136 12.40 25.02 10.25
N PRO F 137 13.14 25.19 11.34
CA PRO F 137 14.10 26.31 11.41
C PRO F 137 15.15 26.25 10.32
N GLY F 138 15.53 27.41 9.79
CA GLY F 138 16.52 27.47 8.74
C GLY F 138 17.33 28.75 8.75
N LYS F 139 18.53 28.71 8.20
CA LYS F 139 19.37 29.89 8.13
C LYS F 139 18.76 30.92 7.18
N PRO F 140 18.79 32.21 7.54
CA PRO F 140 18.25 33.28 6.71
C PRO F 140 19.25 33.80 5.68
N GLU G 22 30.25 -0.59 29.53
CA GLU G 22 29.44 -1.43 28.64
C GLU G 22 29.00 -0.66 27.40
N TRP G 23 28.94 -1.39 26.28
CA TRP G 23 28.55 -0.84 24.95
C TRP G 23 28.30 -2.01 24.01
N THR G 24 27.51 -1.85 22.96
CA THR G 24 27.13 -2.93 22.01
C THR G 24 28.31 -3.31 21.13
N GLY G 25 29.26 -2.43 20.92
CA GLY G 25 30.36 -2.70 19.99
C GLY G 25 31.65 -2.97 20.74
N ASP G 26 31.57 -3.47 21.96
CA ASP G 26 32.80 -3.88 22.66
C ASP G 26 33.05 -5.24 22.06
N TYR G 27 33.65 -5.32 20.87
CA TYR G 27 33.85 -6.60 20.13
C TYR G 27 34.43 -7.76 20.96
N GLU G 28 35.55 -7.53 21.65
CA GLU G 28 36.34 -8.50 22.41
C GLU G 28 35.36 -9.30 23.26
N ASN G 29 34.17 -8.73 23.51
CA ASN G 29 33.15 -9.40 24.30
C ASN G 29 31.86 -9.64 23.53
N ILE G 30 31.30 -8.63 22.88
CA ILE G 30 30.04 -8.76 22.16
C ILE G 30 30.36 -9.23 20.75
N GLY G 31 29.80 -10.37 20.35
CA GLY G 31 29.90 -10.82 18.98
C GLY G 31 28.73 -10.32 18.14
N TYR G 32 28.77 -10.63 16.85
CA TYR G 32 27.67 -10.26 15.97
C TYR G 32 27.68 -11.12 14.72
N PHE G 33 26.48 -11.44 14.24
CA PHE G 33 26.30 -12.10 12.95
C PHE G 33 25.71 -11.11 11.96
N SER G 34 26.36 -10.99 10.80
CA SER G 34 25.99 -10.02 9.79
C SER G 34 25.14 -10.69 8.71
N HIS G 35 24.36 -9.86 8.01
CA HIS G 35 23.48 -10.32 6.93
C HIS G 35 22.55 -11.43 7.38
N GLU G 36 21.93 -11.25 8.54
CA GLU G 36 20.92 -12.18 9.05
C GLU G 36 19.53 -11.60 8.83
N VAL G 37 18.54 -12.50 8.87
CA VAL G 37 17.14 -12.11 8.80
C VAL G 37 16.40 -12.75 9.96
N ILE G 38 15.60 -11.95 10.66
CA ILE G 38 14.80 -12.45 11.77
C ILE G 38 13.61 -13.21 11.20
N SER G 39 13.65 -14.54 11.30
CA SER G 39 12.61 -15.39 10.73
C SER G 39 11.53 -15.78 11.71
N GLU G 40 11.83 -15.86 13.00
CA GLU G 40 10.83 -16.21 14.00
C GLU G 40 10.94 -15.29 15.21
N PHE G 41 9.79 -14.93 15.76
CA PHE G 41 9.66 -14.05 16.90
C PHE G 41 8.91 -14.77 18.02
N HIS G 42 9.36 -14.55 19.26
CA HIS G 42 8.69 -15.14 20.43
C HIS G 42 8.64 -14.10 21.52
N VAL G 43 7.51 -14.03 22.22
CA VAL G 43 7.34 -13.10 23.32
C VAL G 43 6.80 -13.86 24.54
N GLY G 44 7.32 -13.54 25.72
CA GLY G 44 6.87 -14.22 26.92
C GLY G 44 7.37 -13.53 28.16
N GLN G 45 7.26 -14.24 29.28
CA GLN G 45 7.68 -13.74 30.58
C GLN G 45 8.45 -14.81 31.32
N ILE G 46 9.55 -14.41 31.97
CA ILE G 46 10.33 -15.31 32.82
C ILE G 46 10.72 -14.56 34.08
N ASP G 47 10.49 -15.20 35.23
CA ASP G 47 10.92 -14.71 36.55
C ASP G 47 10.49 -13.26 36.78
N GLY G 48 9.22 -13.00 36.45
CA GLY G 48 8.64 -11.70 36.67
C GLY G 48 9.08 -10.62 35.71
N GLY G 49 9.78 -10.97 34.65
CA GLY G 49 10.22 -9.97 33.68
C GLY G 49 9.88 -10.40 32.27
N ALA G 50 9.42 -9.44 31.48
CA ALA G 50 9.07 -9.70 30.10
C ALA G 50 10.34 -9.97 29.28
N TYR G 51 10.17 -10.71 28.19
CA TYR G 51 11.30 -11.08 27.34
C TYR G 51 10.83 -11.39 25.93
N PHE G 52 11.69 -11.15 24.95
CA PHE G 52 11.43 -11.55 23.57
C PHE G 52 12.68 -12.21 22.99
N CYS G 53 12.45 -13.17 22.10
CA CYS G 53 13.50 -13.93 21.45
C CYS G 53 13.31 -13.87 19.94
N ILE G 54 14.42 -13.76 19.22
CA ILE G 54 14.43 -13.70 17.77
C ILE G 54 15.33 -14.81 17.23
N LYS G 55 14.87 -15.48 16.19
CA LYS G 55 15.65 -16.49 15.49
C LYS G 55 16.08 -15.94 14.13
N ALA G 56 17.37 -16.06 13.84
CA ALA G 56 17.96 -15.49 12.64
C ALA G 56 18.68 -16.55 11.83
N VAL G 57 18.52 -16.45 10.50
CA VAL G 57 19.21 -17.31 9.55
C VAL G 57 19.87 -16.41 8.52
N LYS G 58 20.84 -16.95 7.78
CA LYS G 58 21.61 -16.15 6.83
C LYS G 58 20.71 -15.64 5.71
N ALA G 59 20.86 -14.35 5.40
CA ALA G 59 20.09 -13.76 4.31
C ALA G 59 20.64 -14.21 2.95
N ASP G 60 21.93 -14.56 2.91
CA ASP G 60 22.55 -14.97 1.65
C ASP G 60 22.02 -16.30 1.15
N GLY G 61 21.28 -17.03 1.97
CA GLY G 61 20.81 -18.35 1.62
C GLY G 61 21.73 -19.48 1.99
N SER G 62 22.88 -19.18 2.60
CA SER G 62 23.81 -20.22 3.02
C SER G 62 23.29 -20.94 4.26
N ARG G 63 24.08 -21.86 4.80
CA ARG G 63 23.63 -22.64 5.95
C ARG G 63 24.49 -22.32 7.16
N SER G 64 23.82 -22.00 8.26
CA SER G 64 24.48 -21.74 9.54
C SER G 64 23.45 -22.01 10.63
N THR G 65 23.89 -22.56 11.75
CA THR G 65 22.98 -22.86 12.86
C THR G 65 22.22 -21.61 13.25
N PRO G 66 20.88 -21.64 13.23
CA PRO G 66 20.08 -20.42 13.46
C PRO G 66 20.42 -19.72 14.76
N LEU G 67 20.85 -18.47 14.66
CA LEU G 67 21.16 -17.68 15.86
C LEU G 67 19.88 -17.41 16.63
N ILE G 68 19.95 -17.54 17.96
CA ILE G 68 18.80 -17.30 18.82
C ILE G 68 19.22 -16.24 19.83
N ALA G 69 18.59 -15.07 19.78
CA ALA G 69 18.94 -13.96 20.65
C ALA G 69 17.72 -13.52 21.44
N CYS G 70 17.84 -13.55 22.76
CA CYS G 70 16.75 -13.19 23.67
C CYS G 70 17.13 -11.96 24.48
N SER G 71 16.13 -11.33 25.06
CA SER G 71 16.40 -10.18 25.92
C SER G 71 15.34 -10.04 27.01
N VAL G 72 15.69 -10.44 28.24
CA VAL G 72 14.80 -10.29 29.39
C VAL G 72 14.83 -8.83 29.84
N SER G 73 13.67 -8.30 30.25
CA SER G 73 13.56 -6.91 30.66
C SER G 73 13.87 -6.67 32.12
N ASN G 74 13.92 -7.71 32.94
CA ASN G 74 14.21 -7.57 34.37
C ASN G 74 15.50 -8.25 34.78
N GLU G 75 16.34 -8.62 33.81
CA GLU G 75 17.59 -9.32 34.10
C GLU G 75 18.69 -8.76 33.22
N SER G 76 19.93 -8.96 33.67
CA SER G 76 21.14 -8.63 32.90
C SER G 76 21.36 -7.12 32.83
N VAL G 77 22.51 -6.72 32.30
CA VAL G 77 22.85 -5.31 32.17
C VAL G 77 22.29 -4.68 30.90
N TRP G 78 21.62 -5.45 30.05
CA TRP G 78 21.10 -4.97 28.78
C TRP G 78 19.61 -4.69 28.82
N ALA G 79 19.03 -4.56 30.01
CA ALA G 79 17.61 -4.31 30.19
C ALA G 79 17.18 -2.89 29.83
N PRO G 80 18.00 -1.84 30.11
CA PRO G 80 17.58 -0.47 29.74
C PRO G 80 17.20 -0.30 28.27
N SER G 81 17.73 -1.15 27.39
CA SER G 81 17.46 -1.04 25.96
C SER G 81 16.37 -2.01 25.50
N PHE G 82 15.79 -2.76 26.42
CA PHE G 82 14.85 -3.84 26.07
C PHE G 82 13.79 -3.36 25.09
N LYS G 83 12.97 -2.39 25.49
CA LYS G 83 11.92 -1.88 24.60
C LYS G 83 12.52 -1.35 23.30
N VAL G 84 13.65 -0.65 23.37
CA VAL G 84 14.30 -0.15 22.18
C VAL G 84 14.66 -1.29 21.23
N LEU G 85 15.11 -2.42 21.77
CA LEU G 85 15.40 -3.58 20.95
C LEU G 85 14.16 -4.40 20.59
N LEU G 86 13.03 -4.15 21.25
CA LEU G 86 11.81 -4.88 20.93
C LEU G 86 11.11 -4.32 19.70
N GLU G 87 10.88 -3.01 19.67
CA GLU G 87 10.21 -2.39 18.52
C GLU G 87 11.04 -2.45 17.26
N GLN G 88 12.36 -2.62 17.37
CA GLN G 88 13.21 -2.76 16.21
C GLN G 88 13.24 -4.19 15.69
N ALA G 89 13.48 -5.17 16.57
CA ALA G 89 13.49 -6.56 16.15
C ALA G 89 12.16 -6.97 15.55
N ARG G 90 11.07 -6.37 16.03
CA ARG G 90 9.77 -6.60 15.40
C ARG G 90 9.75 -6.09 13.97
N TYR G 91 10.24 -4.86 13.76
CA TYR G 91 10.23 -4.28 12.42
C TYR G 91 11.10 -5.08 11.47
N PHE G 92 12.28 -5.50 11.92
CA PHE G 92 13.16 -6.32 11.09
C PHE G 92 12.60 -7.73 10.89
N TYR G 93 11.55 -8.10 11.61
CA TYR G 93 10.92 -9.42 11.44
C TYR G 93 9.91 -9.36 10.30
N VAL G 94 8.95 -8.43 10.39
CA VAL G 94 7.87 -8.33 9.42
C VAL G 94 8.42 -7.93 8.05
N THR G 95 9.45 -7.09 8.04
CA THR G 95 10.03 -6.63 6.79
C THR G 95 10.92 -7.68 6.14
N GLU G 96 11.53 -8.57 6.95
CA GLU G 96 12.52 -9.55 6.52
C GLU G 96 13.80 -8.90 6.03
N GLN G 97 14.06 -7.65 6.43
CA GLN G 97 15.27 -6.95 6.03
C GLN G 97 16.50 -7.60 6.64
N SER G 98 17.57 -7.68 5.85
CA SER G 98 18.84 -8.19 6.33
C SER G 98 19.34 -7.33 7.49
N VAL G 99 19.76 -7.99 8.57
CA VAL G 99 20.09 -7.28 9.80
C VAL G 99 21.30 -7.92 10.49
N ARG G 100 22.29 -7.10 10.82
CA ARG G 100 23.36 -7.50 11.72
C ARG G 100 22.83 -7.54 13.15
N ILE G 101 23.11 -8.64 13.84
CA ILE G 101 22.54 -8.89 15.16
C ILE G 101 23.65 -9.04 16.19
N TYR G 102 23.90 -7.99 16.97
CA TYR G 102 24.88 -8.04 18.04
C TYR G 102 24.36 -8.87 19.20
N TYR G 103 25.24 -9.55 19.91
CA TYR G 103 24.82 -10.39 21.02
C TYR G 103 25.99 -10.57 21.98
N ASP G 104 25.66 -10.91 23.22
CA ASP G 104 26.64 -11.20 24.27
C ASP G 104 26.45 -12.66 24.67
N HIS G 105 27.50 -13.45 24.55
CA HIS G 105 27.40 -14.87 24.88
C HIS G 105 27.39 -15.08 26.39
N ASN G 106 26.68 -16.13 26.82
CA ASN G 106 26.64 -16.55 28.23
C ASN G 106 26.10 -15.44 29.13
N VAL G 107 24.85 -15.06 28.89
CA VAL G 107 24.17 -14.06 29.71
C VAL G 107 23.04 -14.66 30.55
N TRP G 108 22.28 -15.59 30.01
CA TRP G 108 21.13 -16.18 30.70
C TRP G 108 21.56 -17.47 31.38
N THR G 109 21.08 -17.69 32.60
CA THR G 109 21.51 -18.81 33.44
C THR G 109 20.45 -19.90 33.52
N ASN G 110 19.16 -19.54 33.45
CA ASN G 110 18.07 -20.50 33.60
C ASN G 110 18.18 -21.63 32.59
N GLN G 111 18.46 -22.84 33.08
CA GLN G 111 18.68 -24.01 32.22
C GLN G 111 17.48 -24.32 31.33
N PRO G 112 16.24 -24.35 31.85
CA PRO G 112 15.10 -24.52 30.93
C PRO G 112 15.03 -23.43 29.87
N PHE G 113 15.39 -22.19 30.22
CA PHE G 113 15.42 -21.11 29.25
C PHE G 113 16.58 -21.28 28.28
N VAL G 114 17.78 -21.49 28.79
CA VAL G 114 19.01 -21.59 27.95
C VAL G 114 18.93 -22.75 26.96
N ASN G 115 18.05 -23.71 27.17
CA ASN G 115 17.97 -24.90 26.29
C ASN G 115 17.04 -24.64 25.11
N THR G 116 15.87 -24.02 25.35
CA THR G 116 14.88 -23.81 24.26
C THR G 116 15.32 -22.64 23.44
N PHE G 117 15.83 -21.63 24.12
CA PHE G 117 16.32 -20.44 23.40
C PHE G 117 17.82 -20.57 23.61
N SER G 118 18.49 -19.48 23.93
CA SER G 118 19.96 -19.57 24.01
C SER G 118 20.54 -18.77 25.13
N THR G 119 21.86 -18.76 25.22
CA THR G 119 22.54 -18.00 26.28
C THR G 119 22.95 -16.66 25.69
N ASN G 120 22.56 -16.38 24.45
CA ASN G 120 22.87 -15.10 23.81
C ASN G 120 21.89 -14.03 24.32
N ALA G 121 22.26 -12.76 24.30
CA ALA G 121 21.42 -11.66 24.74
C ALA G 121 21.46 -10.59 23.66
N LEU G 122 20.29 -10.13 23.23
CA LEU G 122 20.20 -9.08 22.23
C LEU G 122 20.73 -7.77 22.80
N VAL G 123 21.81 -7.26 22.19
CA VAL G 123 22.46 -6.04 22.63
C VAL G 123 22.51 -4.99 21.53
N GLY G 124 22.03 -5.32 20.33
CA GLY G 124 22.07 -4.37 19.23
C GLY G 124 21.60 -4.91 17.90
N LEU G 125 20.95 -4.05 17.11
CA LEU G 125 20.41 -4.46 15.83
C LEU G 125 20.74 -3.38 14.81
N SER G 126 21.35 -3.78 13.69
CA SER G 126 21.81 -2.83 12.69
C SER G 126 21.35 -3.27 11.31
N SER G 127 21.13 -2.31 10.43
CA SER G 127 20.66 -2.59 9.07
C SER G 127 21.87 -2.85 8.18
N CYS G 128 21.87 -3.99 7.50
CA CYS G 128 22.93 -4.39 6.57
C CYS G 128 22.50 -4.26 5.12
N SER G 129 21.75 -3.22 4.77
CA SER G 129 21.25 -3.03 3.41
C SER G 129 22.36 -2.40 2.56
N ALA G 130 23.49 -3.08 2.47
CA ALA G 130 24.60 -2.61 1.65
C ALA G 130 25.21 -3.76 0.85
N ALA G 131 24.86 -4.99 1.23
CA ALA G 131 25.30 -6.26 0.64
C ALA G 131 26.78 -6.52 0.85
N THR G 132 27.52 -5.63 1.50
CA THR G 132 28.93 -5.84 1.80
C THR G 132 29.22 -5.79 3.29
N ASP G 133 28.73 -4.76 3.98
CA ASP G 133 28.91 -4.63 5.42
C ASP G 133 27.71 -3.85 5.97
N CYS G 134 27.61 -3.82 7.30
CA CYS G 134 26.48 -3.19 7.97
C CYS G 134 26.95 -1.98 8.76
N PHE G 135 26.08 -0.97 8.82
CA PHE G 135 26.33 0.20 9.64
C PHE G 135 26.40 -0.16 11.11
N GLY G 136 27.46 0.28 11.79
CA GLY G 136 27.60 0.03 13.19
C GLY G 136 29.00 -0.42 13.58
N PRO G 137 29.19 -0.75 14.85
CA PRO G 137 30.50 -1.23 15.30
C PRO G 137 30.90 -2.52 14.60
N GLY G 138 32.20 -2.68 14.37
CA GLY G 138 32.71 -3.87 13.72
C GLY G 138 34.15 -4.17 14.11
N LYS G 139 34.47 -5.45 14.24
CA LYS G 139 35.82 -5.85 14.59
C LYS G 139 36.78 -5.50 13.44
N PRO G 140 37.96 -4.93 13.72
CA PRO G 140 38.93 -4.57 12.69
C PRO G 140 39.96 -5.66 12.45
#